data_3E51
#
_entry.id   3E51
#
_cell.length_a   85.751
_cell.length_b   106.384
_cell.length_c   126.852
_cell.angle_alpha   90.00
_cell.angle_beta   90.00
_cell.angle_gamma   90.00
#
_symmetry.space_group_name_H-M   'P 21 21 21'
#
loop_
_entity.id
_entity.type
_entity.pdbx_description
1 polymer 'RNA-directed RNA polymerase'
2 non-polymer N-{3-[5-hydroxy-2-(3-methylbutyl)-3-oxo-6-pyrrolidin-1-yl-2,3-dihydropyridazin-4-yl]-1,1-dioxido-2H-1,2,4-benzothiadiazin-7-yl}methanesulfonamide
3 water water
#
_entity_poly.entity_id   1
_entity_poly.type   'polypeptide(L)'
_entity_poly.pdbx_seq_one_letter_code
;SMSYTWTGALITPCAAEESKLPINALSNSLLRHHNMVYATTSRSAGLRQKKVTFDRLQVLDDHYRDVLKEMKAKASTVKA
KLLSVEEACKLTPPHSAKSKFGYGAKDVRNLSSKAVNHIHSVWKDLLEDTVTPIDTTIMAKNEVFCVQPEKGGRKPARLI
VFPDLGVRVCEKMALYDVVSTLPQVVMGSSYGFQYSPGQRVEFLVNTWKSKKNPMGFSYDTRCFDSTVTENDIRVEESIY
QCCDLAPEARQAIKSLTERLYIGGPLTNSKGQNCGYRRCRASGVLTTSCGNTLTCYLKASAACRAAKLQDCTMLVNGDDL
VVICESAGTQEDAASLRVFTEAMTRYSAPPGDPPQPEYDLELITSCSSNVSVAHDASGKRVYYLTRDPTTPLARAAWETA
RHTPVNSWLGNIIMYAPTLWARMILMTHFFSILLAQEQLEKALDCQIYGACYSIEPLDLPQIIERLHGLSAFSLHSYSPG
EINRVASCLRKLGVPPLRVWRHRARSVRARLLSQGGRAATCGKYLFNWAVKTKLKLTPIPAASQLDLSGWFVAGYSGGDI
YHSLSRARPRLEHHHHHH
;
_entity_poly.pdbx_strand_id   A,B
#
loop_
_chem_comp.id
_chem_comp.type
_chem_comp.name
_chem_comp.formula
N35 non-polymer N-{3-[5-hydroxy-2-(3-methylbutyl)-3-oxo-6-pyrrolidin-1-yl-2,3-dihydropyridazin-4-yl]-1,1-dioxido-2H-1,2,4-benzothiadiazin-7-yl}methanesulfonamide 'C21 H28 N6 O6 S2'
#
# COMPACT_ATOMS: atom_id res chain seq x y z
N SER A 1 -28.08 -15.79 -27.19
CA SER A 1 -27.56 -16.00 -28.55
C SER A 1 -26.41 -16.97 -28.49
N MET A 2 -26.05 -17.51 -29.65
CA MET A 2 -24.93 -18.43 -29.76
C MET A 2 -23.62 -17.67 -29.63
N SER A 3 -22.71 -18.23 -28.85
CA SER A 3 -21.35 -17.67 -28.71
C SER A 3 -20.67 -17.47 -30.07
N TYR A 4 -20.85 -18.44 -30.96
CA TYR A 4 -20.27 -18.45 -32.30
C TYR A 4 -21.26 -18.99 -33.31
N THR A 5 -21.20 -18.45 -34.52
CA THR A 5 -21.78 -19.10 -35.69
C THR A 5 -20.66 -19.40 -36.65
N TRP A 6 -20.69 -20.60 -37.25
CA TRP A 6 -19.64 -21.06 -38.15
C TRP A 6 -20.15 -21.32 -39.56
N THR A 7 -19.30 -21.06 -40.54
CA THR A 7 -19.58 -21.30 -41.96
C THR A 7 -19.12 -22.68 -42.43
N GLY A 8 -18.15 -23.25 -41.72
CA GLY A 8 -17.52 -24.48 -42.20
C GLY A 8 -16.12 -24.29 -42.77
N ALA A 9 -15.74 -23.05 -43.09
CA ALA A 9 -14.35 -22.77 -43.45
C ALA A 9 -13.47 -23.07 -42.24
N LEU A 10 -12.33 -23.73 -42.47
CA LEU A 10 -11.47 -24.20 -41.40
C LEU A 10 -10.64 -23.09 -40.75
N ILE A 11 -10.24 -23.28 -39.50
CA ILE A 11 -9.22 -22.44 -38.91
C ILE A 11 -7.84 -22.90 -39.40
N THR A 12 -7.12 -22.00 -40.06
CA THR A 12 -5.95 -22.35 -40.86
C THR A 12 -4.67 -21.76 -40.28
N PRO A 13 -3.53 -22.47 -40.44
CA PRO A 13 -2.24 -22.01 -39.94
C PRO A 13 -1.57 -21.02 -40.86
N CYS A 14 -0.61 -20.25 -40.33
CA CYS A 14 0.23 -19.40 -41.15
C CYS A 14 1.35 -20.21 -41.78
N ALA A 15 2.03 -21.00 -40.95
CA ALA A 15 3.09 -21.88 -41.41
C ALA A 15 2.82 -23.32 -40.96
N ALA A 16 3.71 -24.24 -41.34
CA ALA A 16 3.68 -25.61 -40.85
C ALA A 16 3.77 -25.59 -39.32
N GLU A 17 3.04 -26.52 -38.71
CA GLU A 17 2.96 -26.63 -37.26
C GLU A 17 3.54 -27.96 -36.78
N GLU A 18 4.43 -27.88 -35.80
CA GLU A 18 4.98 -29.08 -35.17
C GLU A 18 4.12 -29.45 -33.97
N SER A 19 3.73 -30.72 -33.88
CA SER A 19 3.04 -31.22 -32.70
C SER A 19 3.92 -32.13 -31.82
N LYS A 20 4.88 -32.82 -32.44
CA LYS A 20 5.82 -33.67 -31.70
C LYS A 20 6.97 -32.84 -31.16
N LEU A 21 7.43 -33.17 -29.96
CA LEU A 21 8.56 -32.47 -29.35
C LEU A 21 9.80 -32.55 -30.25
N PRO A 22 10.37 -31.39 -30.63
CA PRO A 22 11.65 -31.40 -31.34
C PRO A 22 12.77 -31.89 -30.43
N ILE A 23 13.72 -32.65 -31.00
CA ILE A 23 14.79 -33.24 -30.23
C ILE A 23 16.14 -32.72 -30.71
N ASN A 24 17.02 -32.33 -29.79
CA ASN A 24 18.39 -32.04 -30.16
C ASN A 24 19.39 -32.76 -29.24
N ALA A 25 20.66 -32.34 -29.28
CA ALA A 25 21.70 -32.97 -28.46
C ALA A 25 21.54 -32.71 -26.96
N LEU A 26 20.64 -31.79 -26.60
CA LEU A 26 20.45 -31.39 -25.20
C LEU A 26 19.21 -31.99 -24.53
N SER A 27 18.27 -32.48 -25.35
CA SER A 27 16.96 -32.95 -24.88
C SER A 27 17.03 -34.01 -23.79
N ASN A 28 17.79 -35.07 -24.03
CA ASN A 28 17.88 -36.19 -23.07
C ASN A 28 18.41 -35.79 -21.69
N SER A 29 19.22 -34.73 -21.63
CA SER A 29 19.72 -34.26 -20.35
C SER A 29 18.60 -33.70 -19.50
N LEU A 30 17.49 -33.31 -20.13
CA LEU A 30 16.37 -32.83 -19.34
C LEU A 30 15.27 -33.86 -19.13
N LEU A 31 14.92 -34.60 -20.19
CA LEU A 31 13.67 -35.36 -20.27
C LEU A 31 13.86 -36.54 -21.26
N ARG A 32 13.51 -37.74 -20.81
CA ARG A 32 13.62 -38.96 -21.64
C ARG A 32 12.32 -39.35 -22.32
N HIS A 33 11.19 -39.00 -21.71
CA HIS A 33 9.91 -39.46 -22.24
C HIS A 33 9.28 -38.44 -23.18
N HIS A 34 9.94 -38.28 -24.33
CA HIS A 34 9.63 -37.27 -25.32
C HIS A 34 8.20 -37.36 -25.86
N ASN A 35 7.69 -38.58 -25.99
CA ASN A 35 6.32 -38.82 -26.49
C ASN A 35 5.22 -38.26 -25.58
N MET A 36 5.60 -37.90 -24.36
CA MET A 36 4.65 -37.36 -23.39
C MET A 36 4.41 -35.88 -23.65
N VAL A 37 5.31 -35.26 -24.41
CA VAL A 37 5.28 -33.83 -24.64
C VAL A 37 4.70 -33.54 -26.04
N TYR A 38 3.73 -32.62 -26.10
CA TYR A 38 3.11 -32.25 -27.38
C TYR A 38 2.77 -30.76 -27.46
N ALA A 39 2.67 -30.23 -28.68
CA ALA A 39 2.10 -28.91 -28.91
C ALA A 39 0.77 -28.99 -29.64
N THR A 40 -0.19 -28.17 -29.21
CA THR A 40 -1.44 -27.99 -29.93
C THR A 40 -1.22 -27.31 -31.28
N THR A 41 -2.04 -27.67 -32.26
CA THR A 41 -2.00 -27.09 -33.61
C THR A 41 -3.41 -26.83 -34.09
N SER A 42 -3.52 -26.00 -35.12
CA SER A 42 -4.80 -25.74 -35.79
C SER A 42 -5.57 -27.01 -36.16
N ARG A 43 -4.86 -28.12 -36.32
CA ARG A 43 -5.50 -29.35 -36.76
C ARG A 43 -6.49 -29.92 -35.76
N SER A 44 -6.46 -29.45 -34.52
CA SER A 44 -7.46 -29.80 -33.51
C SER A 44 -8.45 -28.66 -33.21
N ALA A 45 -8.39 -27.57 -33.96
CA ALA A 45 -9.25 -26.42 -33.70
C ALA A 45 -10.75 -26.77 -33.77
N GLY A 46 -11.11 -27.66 -34.68
CA GLY A 46 -12.50 -28.11 -34.80
C GLY A 46 -13.04 -28.69 -33.52
N LEU A 47 -12.19 -29.40 -32.77
CA LEU A 47 -12.59 -29.95 -31.48
C LEU A 47 -12.91 -28.84 -30.49
N ARG A 48 -12.10 -27.79 -30.53
CA ARG A 48 -12.28 -26.64 -29.65
C ARG A 48 -13.55 -25.87 -30.01
N GLN A 49 -13.77 -25.68 -31.31
CA GLN A 49 -14.95 -24.95 -31.82
C GLN A 49 -16.21 -25.59 -31.26
N LYS A 50 -16.23 -26.93 -31.27
CA LYS A 50 -17.34 -27.69 -30.71
C LYS A 50 -17.64 -27.28 -29.26
N LYS A 51 -16.59 -27.25 -28.43
CA LYS A 51 -16.72 -27.00 -27.00
C LYS A 51 -17.14 -25.58 -26.66
N VAL A 52 -16.68 -24.60 -27.44
CA VAL A 52 -16.87 -23.19 -27.09
C VAL A 52 -18.13 -22.61 -27.72
N THR A 53 -18.87 -23.44 -28.45
CA THR A 53 -20.06 -22.98 -29.19
C THR A 53 -21.31 -23.46 -28.50
N PHE A 54 -22.02 -22.52 -27.89
CA PHE A 54 -23.26 -22.80 -27.16
C PHE A 54 -24.12 -21.57 -26.99
N ASP A 55 -25.38 -21.79 -26.62
CA ASP A 55 -26.29 -20.69 -26.39
C ASP A 55 -26.08 -20.17 -24.97
N ARG A 56 -26.21 -18.86 -24.81
CA ARG A 56 -26.13 -18.23 -23.50
C ARG A 56 -27.48 -17.65 -23.09
N LEU A 57 -27.91 -18.00 -21.89
CA LEU A 57 -29.06 -17.36 -21.26
C LEU A 57 -28.55 -16.60 -20.06
N GLN A 58 -29.20 -15.50 -19.74
CA GLN A 58 -28.76 -14.69 -18.62
C GLN A 58 -29.95 -14.12 -17.88
N VAL A 59 -29.95 -14.34 -16.57
CA VAL A 59 -31.01 -13.88 -15.67
C VAL A 59 -30.37 -13.04 -14.55
N LEU A 60 -30.60 -11.74 -14.63
CA LEU A 60 -29.93 -10.77 -13.77
C LEU A 60 -30.88 -10.22 -12.70
N ASP A 61 -30.44 -10.32 -11.45
CA ASP A 61 -31.28 -10.01 -10.29
C ASP A 61 -30.77 -8.77 -9.54
N ASP A 62 -31.30 -8.52 -8.35
CA ASP A 62 -30.93 -7.33 -7.60
C ASP A 62 -29.48 -7.33 -7.10
N HIS A 63 -28.99 -8.49 -6.66
CA HIS A 63 -27.57 -8.60 -6.25
C HIS A 63 -26.61 -8.19 -7.39
N TYR A 64 -26.89 -8.67 -8.61
CA TYR A 64 -26.11 -8.31 -9.78
C TYR A 64 -26.11 -6.79 -9.91
N ARG A 65 -27.30 -6.19 -9.96
CA ARG A 65 -27.39 -4.73 -10.14
C ARG A 65 -26.81 -3.93 -8.97
N ASP A 66 -26.97 -4.43 -7.73
CA ASP A 66 -26.39 -3.73 -6.56
C ASP A 66 -24.87 -3.62 -6.67
N VAL A 67 -24.23 -4.73 -7.05
CA VAL A 67 -22.76 -4.77 -7.16
C VAL A 67 -22.30 -3.88 -8.32
N LEU A 68 -23.07 -3.87 -9.42
CA LEU A 68 -22.69 -3.03 -10.54
C LEU A 68 -22.70 -1.55 -10.19
N LYS A 69 -23.71 -1.13 -9.43
CA LYS A 69 -23.78 0.25 -8.94
C LYS A 69 -22.55 0.65 -8.11
N GLU A 70 -22.10 -0.25 -7.24
CA GLU A 70 -20.90 -0.05 -6.43
C GLU A 70 -19.65 0.12 -7.27
N MET A 71 -19.50 -0.77 -8.26
CA MET A 71 -18.35 -0.77 -9.16
C MET A 71 -18.29 0.53 -9.95
N LYS A 72 -19.45 0.96 -10.45
CA LYS A 72 -19.59 2.22 -11.17
C LYS A 72 -19.25 3.47 -10.33
N ALA A 73 -19.66 3.48 -9.07
CA ALA A 73 -19.30 4.58 -8.14
C ALA A 73 -17.78 4.69 -7.92
N LYS A 74 -17.10 3.55 -7.84
CA LYS A 74 -15.64 3.55 -7.77
C LYS A 74 -15.01 3.94 -9.10
N ALA A 75 -15.57 3.45 -10.21
CA ALA A 75 -15.05 3.80 -11.54
C ALA A 75 -15.16 5.31 -11.83
N SER A 76 -16.16 5.96 -11.23
CA SER A 76 -16.38 7.40 -11.45
C SER A 76 -15.26 8.26 -10.91
N THR A 77 -14.47 7.68 -10.00
CA THR A 77 -13.31 8.38 -9.41
C THR A 77 -12.04 8.29 -10.28
N VAL A 78 -12.08 7.48 -11.33
CA VAL A 78 -10.92 7.25 -12.18
C VAL A 78 -10.82 8.30 -13.29
N LYS A 79 -9.64 8.90 -13.41
CA LYS A 79 -9.34 9.83 -14.52
C LYS A 79 -8.27 9.16 -15.39
N ALA A 80 -8.54 9.09 -16.68
CA ALA A 80 -7.66 8.39 -17.60
C ALA A 80 -7.34 9.25 -18.81
N LYS A 81 -6.11 9.10 -19.31
CA LYS A 81 -5.62 9.86 -20.46
C LYS A 81 -5.56 9.04 -21.74
N LEU A 82 -5.65 9.76 -22.85
CA LEU A 82 -5.44 9.24 -24.18
C LEU A 82 -3.94 9.04 -24.32
N LEU A 83 -3.55 7.97 -25.00
CA LEU A 83 -2.14 7.80 -25.37
C LEU A 83 -1.94 8.40 -26.74
N SER A 84 -0.75 8.97 -26.96
CA SER A 84 -0.38 9.43 -28.31
C SER A 84 -0.14 8.23 -29.22
N VAL A 85 -0.12 8.48 -30.53
CA VAL A 85 0.20 7.43 -31.48
C VAL A 85 1.55 6.80 -31.11
N GLU A 86 2.55 7.64 -30.88
CA GLU A 86 3.91 7.20 -30.59
C GLU A 86 3.98 6.38 -29.31
N GLU A 87 3.29 6.83 -28.27
CA GLU A 87 3.25 6.10 -26.99
C GLU A 87 2.67 4.71 -27.17
N ALA A 88 1.53 4.61 -27.85
CA ALA A 88 0.90 3.33 -28.16
C ALA A 88 1.83 2.44 -28.97
N CYS A 89 2.45 3.02 -29.99
CA CYS A 89 3.41 2.31 -30.84
C CYS A 89 4.52 1.62 -30.06
N LYS A 90 5.07 2.30 -29.05
CA LYS A 90 6.17 1.76 -28.26
C LYS A 90 5.74 0.60 -27.35
N LEU A 91 4.43 0.46 -27.16
CA LEU A 91 3.86 -0.66 -26.40
C LEU A 91 3.62 -1.94 -27.23
N THR A 92 3.87 -1.86 -28.54
CA THR A 92 3.69 -3.00 -29.44
C THR A 92 4.89 -3.94 -29.40
N PRO A 93 4.66 -5.26 -29.16
CA PRO A 93 5.77 -6.20 -29.20
C PRO A 93 6.41 -6.29 -30.57
N PRO A 94 7.74 -6.49 -30.61
CA PRO A 94 8.48 -6.56 -31.89
C PRO A 94 7.99 -7.69 -32.80
N HIS A 95 7.49 -8.76 -32.20
CA HIS A 95 7.05 -9.96 -32.90
C HIS A 95 5.54 -9.98 -33.22
N SER A 96 4.80 -8.98 -32.73
CA SER A 96 3.36 -8.84 -32.99
C SER A 96 3.00 -9.00 -34.47
N ALA A 97 1.86 -9.63 -34.74
CA ALA A 97 1.40 -9.92 -36.12
C ALA A 97 1.30 -8.67 -37.00
N LYS A 98 1.81 -8.76 -38.23
CA LYS A 98 1.84 -7.62 -39.16
C LYS A 98 0.45 -7.15 -39.55
N SER A 99 0.35 -5.89 -39.97
CA SER A 99 -0.91 -5.38 -40.50
C SER A 99 -1.23 -5.98 -41.87
N LYS A 100 -2.51 -5.98 -42.24
CA LYS A 100 -2.95 -6.34 -43.59
C LYS A 100 -2.71 -5.17 -44.53
N PHE A 101 -2.39 -4.01 -43.96
CA PHE A 101 -2.30 -2.76 -44.72
C PHE A 101 -0.86 -2.29 -44.98
N GLY A 102 0.07 -3.24 -45.04
CA GLY A 102 1.39 -2.99 -45.60
C GLY A 102 2.49 -2.53 -44.68
N TYR A 103 2.39 -2.90 -43.40
CA TYR A 103 3.46 -2.64 -42.43
C TYR A 103 3.40 -3.67 -41.32
N GLY A 104 4.49 -3.81 -40.58
CA GLY A 104 4.61 -4.80 -39.51
C GLY A 104 4.90 -4.16 -38.17
N ALA A 105 5.08 -4.99 -37.16
CA ALA A 105 5.27 -4.52 -35.79
C ALA A 105 6.51 -3.64 -35.64
N LYS A 106 7.59 -3.98 -36.34
CA LYS A 106 8.83 -3.21 -36.23
C LYS A 106 8.76 -1.86 -36.93
N ASP A 107 7.86 -1.74 -37.90
CA ASP A 107 7.55 -0.46 -38.52
C ASP A 107 6.78 0.40 -37.53
N VAL A 108 5.94 -0.26 -36.72
CA VAL A 108 5.23 0.39 -35.63
C VAL A 108 6.22 0.87 -34.57
N ARG A 109 7.09 -0.04 -34.12
CA ARG A 109 7.99 0.23 -33.00
C ARG A 109 8.97 1.38 -33.23
N ASN A 110 9.65 1.39 -34.37
CA ASN A 110 10.48 2.56 -34.72
C ASN A 110 9.71 3.60 -35.54
N LEU A 111 8.38 3.51 -35.45
CA LEU A 111 7.46 4.60 -35.80
C LEU A 111 7.55 5.08 -37.24
N SER A 112 7.66 4.15 -38.18
CA SER A 112 7.71 4.49 -39.61
C SER A 112 6.49 5.32 -40.04
N SER A 113 6.65 6.13 -41.07
CA SER A 113 5.58 7.03 -41.51
C SER A 113 4.35 6.27 -42.00
N LYS A 114 4.55 5.27 -42.86
CA LYS A 114 3.43 4.44 -43.35
C LYS A 114 2.56 3.87 -42.21
N ALA A 115 3.22 3.30 -41.19
CA ALA A 115 2.52 2.76 -40.02
C ALA A 115 1.70 3.83 -39.30
N VAL A 116 2.34 4.95 -38.98
CA VAL A 116 1.71 6.06 -38.25
C VAL A 116 0.51 6.61 -39.00
N ASN A 117 0.63 6.71 -40.32
CA ASN A 117 -0.43 7.25 -41.17
C ASN A 117 -1.66 6.37 -41.25
N HIS A 118 -1.45 5.06 -41.31
CA HIS A 118 -2.58 4.14 -41.28
C HIS A 118 -3.26 4.15 -39.91
N ILE A 119 -2.46 4.17 -38.83
CA ILE A 119 -3.00 4.27 -37.47
C ILE A 119 -3.91 5.49 -37.29
N HIS A 120 -3.49 6.65 -37.84
CA HIS A 120 -4.30 7.87 -37.81
C HIS A 120 -5.62 7.71 -38.55
N SER A 121 -5.61 7.02 -39.68
CA SER A 121 -6.84 6.78 -40.44
C SER A 121 -7.79 5.80 -39.72
N VAL A 122 -7.20 4.82 -39.01
CA VAL A 122 -8.02 3.89 -38.22
C VAL A 122 -8.76 4.62 -37.08
N TRP A 123 -8.05 5.51 -36.40
CA TRP A 123 -8.59 6.33 -35.32
C TRP A 123 -9.75 7.20 -35.80
N LYS A 124 -9.50 7.97 -36.87
CA LYS A 124 -10.51 8.82 -37.49
C LYS A 124 -11.78 8.05 -37.87
N ASP A 125 -11.60 6.87 -38.46
CA ASP A 125 -12.74 6.00 -38.78
C ASP A 125 -13.51 5.61 -37.51
N LEU A 126 -12.77 5.28 -36.45
CA LEU A 126 -13.41 4.93 -35.17
C LEU A 126 -14.24 6.08 -34.63
N LEU A 127 -13.70 7.30 -34.71
CA LEU A 127 -14.43 8.49 -34.29
C LEU A 127 -15.68 8.72 -35.15
N GLU A 128 -15.57 8.43 -36.44
CA GLU A 128 -16.64 8.76 -37.38
C GLU A 128 -17.72 7.68 -37.57
N ASP A 129 -17.40 6.43 -37.24
CA ASP A 129 -18.30 5.30 -37.46
C ASP A 129 -18.38 4.45 -36.18
N THR A 130 -19.58 4.32 -35.61
CA THR A 130 -19.77 3.51 -34.39
C THR A 130 -20.63 2.27 -34.60
N VAL A 131 -20.75 1.79 -35.84
CA VAL A 131 -21.64 0.66 -36.14
C VAL A 131 -21.02 -0.46 -36.98
N THR A 132 -20.08 -0.13 -37.86
CA THR A 132 -19.57 -1.13 -38.80
C THR A 132 -18.66 -2.14 -38.09
N PRO A 133 -19.07 -3.42 -38.06
CA PRO A 133 -18.26 -4.46 -37.43
C PRO A 133 -16.85 -4.51 -38.03
N ILE A 134 -15.88 -4.63 -37.13
CA ILE A 134 -14.46 -4.61 -37.48
C ILE A 134 -13.98 -6.04 -37.70
N ASP A 135 -13.22 -6.25 -38.77
CA ASP A 135 -12.70 -7.57 -39.10
C ASP A 135 -11.81 -8.14 -37.99
N THR A 136 -11.90 -9.44 -37.78
CA THR A 136 -10.95 -10.13 -36.92
C THR A 136 -10.42 -11.39 -37.59
N THR A 137 -9.22 -11.80 -37.17
CA THR A 137 -8.61 -13.05 -37.58
C THR A 137 -8.76 -14.05 -36.46
N ILE A 138 -9.16 -15.27 -36.80
CA ILE A 138 -9.20 -16.35 -35.80
C ILE A 138 -8.03 -17.30 -36.10
N MET A 139 -7.22 -17.59 -35.08
CA MET A 139 -6.11 -18.53 -35.20
C MET A 139 -6.17 -19.56 -34.09
N ALA A 140 -5.48 -20.68 -34.29
CA ALA A 140 -5.30 -21.68 -33.24
C ALA A 140 -3.95 -21.49 -32.56
N LYS A 141 -3.97 -21.36 -31.23
CA LYS A 141 -2.72 -21.25 -30.45
C LYS A 141 -1.90 -22.54 -30.55
N ASN A 142 -0.57 -22.37 -30.58
CA ASN A 142 0.36 -23.49 -30.47
C ASN A 142 0.94 -23.43 -29.08
N GLU A 143 0.43 -24.28 -28.18
CA GLU A 143 0.90 -24.33 -26.80
C GLU A 143 1.33 -25.75 -26.45
N VAL A 144 2.29 -25.85 -25.55
CA VAL A 144 2.93 -27.14 -25.22
C VAL A 144 2.42 -27.69 -23.88
N PHE A 145 2.19 -28.99 -23.85
CA PHE A 145 1.70 -29.66 -22.65
C PHE A 145 2.27 -31.08 -22.56
N CYS A 146 2.01 -31.72 -21.42
CA CYS A 146 2.24 -33.15 -21.25
C CYS A 146 0.89 -33.86 -21.39
N VAL A 147 0.89 -35.03 -22.04
CA VAL A 147 -0.32 -35.85 -22.18
C VAL A 147 -0.87 -36.22 -20.80
N GLN A 148 -2.20 -36.19 -20.67
CA GLN A 148 -2.85 -36.40 -19.37
C GLN A 148 -3.65 -37.70 -19.35
N ARG A 154 -5.24 -35.53 -24.79
CA ARG A 154 -4.65 -34.31 -25.35
C ARG A 154 -5.64 -33.16 -25.38
N LYS A 155 -5.18 -31.96 -25.03
CA LYS A 155 -6.00 -30.76 -25.10
C LYS A 155 -6.02 -30.27 -26.55
N PRO A 156 -7.22 -29.96 -27.09
CA PRO A 156 -7.24 -29.28 -28.40
C PRO A 156 -6.75 -27.83 -28.29
N ALA A 157 -6.28 -27.28 -29.40
CA ALA A 157 -5.80 -25.90 -29.44
C ALA A 157 -6.80 -24.86 -28.92
N ARG A 158 -6.32 -23.96 -28.08
CA ARG A 158 -7.13 -22.77 -27.76
C ARG A 158 -7.19 -21.88 -29.01
N LEU A 159 -8.26 -21.10 -29.12
CA LEU A 159 -8.40 -20.13 -30.21
C LEU A 159 -8.05 -18.71 -29.76
N ILE A 160 -7.50 -17.94 -30.70
CA ILE A 160 -7.25 -16.52 -30.47
C ILE A 160 -7.95 -15.72 -31.58
N VAL A 161 -8.66 -14.68 -31.17
CA VAL A 161 -9.36 -13.81 -32.10
C VAL A 161 -8.81 -12.41 -31.86
N PHE A 162 -8.33 -11.75 -32.91
CA PHE A 162 -7.69 -10.44 -32.76
C PHE A 162 -7.93 -9.57 -34.01
N PRO A 163 -8.05 -8.23 -33.82
CA PRO A 163 -8.16 -7.33 -34.96
C PRO A 163 -6.78 -6.95 -35.50
N ASP A 164 -6.79 -6.25 -36.64
CA ASP A 164 -5.57 -5.82 -37.30
C ASP A 164 -4.67 -4.97 -36.40
N LEU A 165 -3.37 -5.00 -36.67
CA LEU A 165 -2.36 -4.18 -35.94
C LEU A 165 -2.73 -2.69 -35.80
N GLY A 166 -3.28 -2.10 -36.86
CA GLY A 166 -3.73 -0.70 -36.82
C GLY A 166 -4.74 -0.46 -35.71
N VAL A 167 -5.76 -1.33 -35.66
CA VAL A 167 -6.78 -1.26 -34.61
C VAL A 167 -6.17 -1.48 -33.22
N ARG A 168 -5.24 -2.42 -33.12
CA ARG A 168 -4.59 -2.78 -31.85
C ARG A 168 -3.89 -1.55 -31.25
N VAL A 169 -3.17 -0.81 -32.09
CA VAL A 169 -2.57 0.44 -31.67
C VAL A 169 -3.63 1.42 -31.17
N CYS A 170 -4.75 1.50 -31.89
CA CYS A 170 -5.84 2.37 -31.53
C CYS A 170 -6.51 2.00 -30.21
N GLU A 171 -6.59 0.70 -29.92
CA GLU A 171 -7.09 0.26 -28.62
C GLU A 171 -6.22 0.84 -27.51
N LYS A 172 -4.90 0.76 -27.66
CA LYS A 172 -3.98 1.27 -26.65
C LYS A 172 -4.22 2.77 -26.44
N MET A 173 -4.29 3.52 -27.54
CA MET A 173 -4.53 4.95 -27.45
C MET A 173 -5.74 5.28 -26.55
N ALA A 174 -6.87 4.62 -26.80
CA ALA A 174 -8.11 4.84 -26.05
C ALA A 174 -8.17 4.22 -24.65
N LEU A 175 -7.56 3.05 -24.49
CA LEU A 175 -7.88 2.19 -23.35
C LEU A 175 -6.69 1.73 -22.50
N TYR A 176 -5.45 1.95 -22.94
CA TYR A 176 -4.33 1.44 -22.16
C TYR A 176 -4.36 1.97 -20.73
N ASP A 177 -4.53 3.29 -20.58
CA ASP A 177 -4.59 3.90 -19.25
C ASP A 177 -5.76 3.31 -18.42
N VAL A 178 -6.93 3.22 -19.04
CA VAL A 178 -8.13 2.69 -18.39
C VAL A 178 -7.91 1.28 -17.83
N VAL A 179 -7.43 0.37 -18.67
CA VAL A 179 -7.31 -1.04 -18.29
C VAL A 179 -6.12 -1.27 -17.34
N SER A 180 -5.22 -0.28 -17.29
CA SER A 180 -4.07 -0.32 -16.38
C SER A 180 -4.44 0.18 -14.99
N THR A 181 -5.41 1.08 -14.91
CA THR A 181 -5.70 1.74 -13.64
C THR A 181 -7.07 1.41 -13.03
N LEU A 182 -8.09 1.23 -13.87
CA LEU A 182 -9.45 1.03 -13.37
C LEU A 182 -9.65 -0.19 -12.46
N PRO A 183 -9.07 -1.37 -12.81
CA PRO A 183 -9.45 -2.56 -12.04
C PRO A 183 -9.10 -2.52 -10.54
N GLN A 184 -7.93 -1.97 -10.18
CA GLN A 184 -7.57 -1.86 -8.77
C GLN A 184 -8.48 -0.87 -8.02
N VAL A 185 -8.87 0.21 -8.69
CA VAL A 185 -9.80 1.17 -8.07
C VAL A 185 -11.18 0.54 -7.85
N VAL A 186 -11.70 -0.16 -8.84
CA VAL A 186 -13.02 -0.77 -8.71
C VAL A 186 -12.99 -1.96 -7.72
N MET A 187 -11.96 -2.79 -7.83
CA MET A 187 -11.96 -4.05 -7.08
C MET A 187 -11.03 -4.05 -5.86
N GLY A 188 -10.22 -3.01 -5.72
CA GLY A 188 -9.28 -2.89 -4.59
C GLY A 188 -8.44 -4.15 -4.40
N SER A 189 -8.38 -4.63 -3.15
CA SER A 189 -7.49 -5.76 -2.79
C SER A 189 -7.83 -7.06 -3.51
N SER A 190 -9.05 -7.15 -4.07
CA SER A 190 -9.47 -8.35 -4.84
C SER A 190 -8.83 -8.45 -6.23
N TYR A 191 -8.24 -7.36 -6.72
CA TYR A 191 -7.62 -7.38 -8.05
C TYR A 191 -6.27 -8.10 -8.04
N GLY A 192 -6.24 -9.29 -8.64
CA GLY A 192 -5.06 -10.15 -8.53
C GLY A 192 -3.78 -9.66 -9.19
N PHE A 193 -3.91 -8.96 -10.30
CA PHE A 193 -2.75 -8.61 -11.13
C PHE A 193 -1.88 -7.48 -10.50
N GLN A 194 -2.32 -6.94 -9.37
CA GLN A 194 -1.53 -5.94 -8.67
C GLN A 194 -0.44 -6.56 -7.81
N TYR A 195 -0.44 -7.90 -7.69
CA TYR A 195 0.44 -8.60 -6.75
C TYR A 195 1.56 -9.35 -7.43
N SER A 196 2.75 -9.28 -6.85
CA SER A 196 3.82 -10.20 -7.19
C SER A 196 3.45 -11.57 -6.60
N PRO A 197 4.21 -12.63 -6.96
CA PRO A 197 3.92 -13.92 -6.32
C PRO A 197 3.96 -13.84 -4.79
N GLY A 198 4.98 -13.15 -4.26
CA GLY A 198 5.14 -12.97 -2.81
C GLY A 198 3.97 -12.25 -2.18
N GLN A 199 3.55 -11.15 -2.81
CA GLN A 199 2.40 -10.39 -2.33
C GLN A 199 1.09 -11.17 -2.44
N ARG A 200 0.97 -11.99 -3.49
CA ARG A 200 -0.23 -12.80 -3.68
C ARG A 200 -0.29 -13.81 -2.54
N VAL A 201 0.85 -14.42 -2.22
CA VAL A 201 0.98 -15.35 -1.10
C VAL A 201 0.54 -14.65 0.21
N GLU A 202 1.14 -13.49 0.45
CA GLU A 202 0.85 -12.68 1.63
C GLU A 202 -0.65 -12.38 1.78
N PHE A 203 -1.28 -11.94 0.69
CA PHE A 203 -2.71 -11.69 0.68
C PHE A 203 -3.53 -12.95 1.00
N LEU A 204 -3.21 -14.06 0.35
CA LEU A 204 -3.89 -15.33 0.60
C LEU A 204 -3.74 -15.77 2.06
N VAL A 205 -2.50 -15.77 2.54
CA VAL A 205 -2.18 -16.17 3.92
C VAL A 205 -2.88 -15.29 4.97
N ASN A 206 -2.70 -13.99 4.88
CA ASN A 206 -3.40 -13.07 5.78
C ASN A 206 -4.93 -13.22 5.72
N THR A 207 -5.47 -13.47 4.52
CA THR A 207 -6.91 -13.65 4.35
C THR A 207 -7.36 -14.94 5.05
N TRP A 208 -6.60 -16.02 4.86
CA TRP A 208 -6.91 -17.32 5.46
C TRP A 208 -6.90 -17.20 6.99
N LYS A 209 -5.91 -16.47 7.51
CA LYS A 209 -5.76 -16.27 8.94
C LYS A 209 -6.82 -15.33 9.51
N SER A 210 -7.36 -14.46 8.67
CA SER A 210 -8.38 -13.50 9.10
C SER A 210 -9.73 -14.15 9.42
N LYS A 211 -9.88 -15.43 9.08
CA LYS A 211 -11.13 -16.18 9.32
C LYS A 211 -11.03 -17.07 10.56
N LYS A 212 -12.11 -17.16 11.33
CA LYS A 212 -12.16 -18.03 12.50
C LYS A 212 -12.06 -19.50 12.09
N ASN A 213 -12.89 -19.91 11.14
CA ASN A 213 -12.75 -21.23 10.53
C ASN A 213 -12.74 -21.10 9.00
N PRO A 214 -11.54 -21.00 8.41
CA PRO A 214 -11.44 -20.73 6.98
C PRO A 214 -11.89 -21.89 6.10
N MET A 215 -12.55 -21.51 5.00
CA MET A 215 -12.86 -22.41 3.91
C MET A 215 -12.57 -21.62 2.64
N GLY A 216 -11.98 -22.29 1.65
CA GLY A 216 -11.74 -21.67 0.37
C GLY A 216 -12.10 -22.58 -0.77
N PHE A 217 -12.44 -21.98 -1.90
CA PHE A 217 -12.66 -22.72 -3.13
C PHE A 217 -12.22 -21.90 -4.31
N SER A 218 -11.75 -22.61 -5.34
CA SER A 218 -11.53 -22.02 -6.64
C SER A 218 -12.79 -22.30 -7.44
N TYR A 219 -13.12 -21.42 -8.38
CA TYR A 219 -14.27 -21.66 -9.25
C TYR A 219 -13.81 -21.62 -10.69
N ASP A 220 -13.98 -22.75 -11.37
CA ASP A 220 -13.60 -22.85 -12.77
C ASP A 220 -14.83 -22.66 -13.64
N THR A 221 -14.96 -21.50 -14.30
CA THR A 221 -16.02 -21.29 -15.30
C THR A 221 -15.65 -22.12 -16.52
N ARG A 222 -16.64 -22.76 -17.14
CA ARG A 222 -16.41 -23.50 -18.37
C ARG A 222 -16.32 -22.53 -19.56
N CYS A 223 -15.14 -22.47 -20.16
CA CYS A 223 -14.88 -21.61 -21.32
C CYS A 223 -15.34 -20.18 -21.04
N PHE A 224 -14.68 -19.49 -20.11
CA PHE A 224 -15.14 -18.17 -19.69
C PHE A 224 -15.44 -17.23 -20.85
N ASP A 225 -14.50 -17.10 -21.79
CA ASP A 225 -14.71 -16.17 -22.91
C ASP A 225 -16.03 -16.41 -23.62
N SER A 226 -16.38 -17.68 -23.84
CA SER A 226 -17.63 -18.05 -24.49
C SER A 226 -18.88 -17.67 -23.70
N THR A 227 -18.77 -17.65 -22.37
CA THR A 227 -19.92 -17.33 -21.52
C THR A 227 -20.22 -15.84 -21.42
N VAL A 228 -19.26 -15.02 -21.86
CA VAL A 228 -19.41 -13.57 -21.84
C VAL A 228 -20.40 -13.14 -22.93
N THR A 229 -21.45 -12.41 -22.53
CA THR A 229 -22.56 -12.02 -23.45
C THR A 229 -22.41 -10.58 -23.97
N GLU A 230 -23.25 -10.19 -24.93
CA GLU A 230 -23.37 -8.77 -25.32
C GLU A 230 -23.67 -7.87 -24.14
N ASN A 231 -24.64 -8.28 -23.29
CA ASN A 231 -24.90 -7.59 -22.03
C ASN A 231 -23.64 -7.31 -21.26
N ASP A 232 -22.84 -8.36 -21.02
CA ASP A 232 -21.64 -8.25 -20.15
C ASP A 232 -20.69 -7.18 -20.71
N ILE A 233 -20.49 -7.24 -22.02
CA ILE A 233 -19.54 -6.35 -22.72
C ILE A 233 -20.03 -4.89 -22.75
N ARG A 234 -21.34 -4.70 -22.90
CA ARG A 234 -21.94 -3.36 -22.79
C ARG A 234 -21.87 -2.84 -21.36
N VAL A 235 -22.12 -3.72 -20.38
CA VAL A 235 -21.98 -3.37 -18.98
C VAL A 235 -20.54 -2.94 -18.66
N GLU A 236 -19.57 -3.66 -19.23
CA GLU A 236 -18.17 -3.36 -19.01
C GLU A 236 -17.88 -1.99 -19.63
N GLU A 237 -18.44 -1.70 -20.80
CA GLU A 237 -18.27 -0.36 -21.40
C GLU A 237 -18.84 0.74 -20.51
N SER A 238 -20.01 0.51 -19.93
CA SER A 238 -20.64 1.53 -19.09
C SER A 238 -19.77 1.80 -17.86
N ILE A 239 -18.94 0.82 -17.47
CA ILE A 239 -18.01 1.04 -16.36
C ILE A 239 -16.84 1.93 -16.81
N TYR A 240 -16.24 1.62 -17.96
CA TYR A 240 -15.20 2.48 -18.57
C TYR A 240 -15.71 3.91 -18.72
N GLN A 241 -16.95 4.06 -19.19
CA GLN A 241 -17.56 5.38 -19.43
C GLN A 241 -17.79 6.22 -18.15
N CYS A 242 -17.81 5.56 -16.98
CA CYS A 242 -17.80 6.29 -15.70
C CYS A 242 -16.53 7.14 -15.50
N CYS A 243 -15.42 6.72 -16.10
CA CYS A 243 -14.15 7.44 -15.93
C CYS A 243 -14.25 8.87 -16.46
N ASP A 244 -13.34 9.70 -15.97
CA ASP A 244 -13.12 11.04 -16.49
C ASP A 244 -12.19 10.87 -17.69
N LEU A 245 -12.74 11.08 -18.88
CA LEU A 245 -12.04 10.79 -20.14
C LEU A 245 -12.11 11.95 -21.12
N ALA A 246 -11.11 12.06 -22.00
CA ALA A 246 -11.17 12.99 -23.12
C ALA A 246 -12.36 12.61 -24.01
N PRO A 247 -12.99 13.61 -24.67
CA PRO A 247 -14.10 13.35 -25.59
C PRO A 247 -13.80 12.33 -26.70
N GLU A 248 -12.59 12.40 -27.28
CA GLU A 248 -12.19 11.43 -28.30
C GLU A 248 -12.09 10.00 -27.74
N ALA A 249 -11.59 9.88 -26.50
CA ALA A 249 -11.53 8.60 -25.79
C ALA A 249 -12.93 7.98 -25.61
N ARG A 250 -13.89 8.77 -25.13
CA ARG A 250 -15.27 8.30 -24.99
C ARG A 250 -15.83 7.75 -26.28
N GLN A 251 -15.57 8.46 -27.36
CA GLN A 251 -16.08 8.09 -28.66
C GLN A 251 -15.42 6.80 -29.14
N ALA A 252 -14.10 6.73 -29.04
CA ALA A 252 -13.34 5.58 -29.51
C ALA A 252 -13.73 4.30 -28.75
N ILE A 253 -13.98 4.46 -27.44
CA ILE A 253 -14.38 3.34 -26.57
C ILE A 253 -15.77 2.86 -26.93
N LYS A 254 -16.66 3.81 -27.23
CA LYS A 254 -18.02 3.47 -27.69
C LYS A 254 -17.93 2.70 -29.00
N SER A 255 -17.10 3.22 -29.89
CA SER A 255 -16.91 2.62 -31.19
C SER A 255 -16.32 1.21 -31.12
N LEU A 256 -15.24 1.04 -30.34
CA LEU A 256 -14.60 -0.26 -30.17
C LEU A 256 -15.56 -1.27 -29.54
N THR A 257 -16.38 -0.82 -28.59
CA THR A 257 -17.37 -1.70 -27.97
C THR A 257 -18.37 -2.24 -28.99
N GLU A 258 -19.01 -1.32 -29.74
CA GLU A 258 -20.03 -1.67 -30.72
C GLU A 258 -19.49 -2.47 -31.92
N ARG A 259 -18.29 -2.10 -32.35
CA ARG A 259 -17.75 -2.59 -33.62
C ARG A 259 -16.85 -3.81 -33.44
N LEU A 260 -16.23 -3.92 -32.26
CA LEU A 260 -15.22 -4.94 -32.00
C LEU A 260 -15.54 -5.83 -30.79
N TYR A 261 -15.73 -5.22 -29.61
CA TYR A 261 -15.77 -6.01 -28.36
C TYR A 261 -17.00 -6.89 -28.24
N ILE A 262 -18.15 -6.36 -28.67
CA ILE A 262 -19.41 -7.10 -28.61
C ILE A 262 -19.45 -8.33 -29.51
N GLY A 263 -18.73 -8.27 -30.64
CA GLY A 263 -18.74 -9.38 -31.59
C GLY A 263 -18.29 -8.94 -32.95
N GLY A 264 -18.30 -9.88 -33.89
CA GLY A 264 -17.83 -9.56 -35.23
C GLY A 264 -17.54 -10.78 -36.05
N PRO A 265 -17.28 -10.56 -37.36
CA PRO A 265 -16.97 -11.62 -38.31
C PRO A 265 -15.59 -12.16 -38.05
N LEU A 266 -15.40 -13.43 -38.39
CA LEU A 266 -14.15 -14.14 -38.14
C LEU A 266 -13.56 -14.58 -39.46
N THR A 267 -12.29 -14.25 -39.66
CA THR A 267 -11.60 -14.52 -40.92
C THR A 267 -10.39 -15.41 -40.64
N ASN A 268 -10.21 -16.48 -41.41
CA ASN A 268 -9.03 -17.30 -41.26
C ASN A 268 -7.80 -16.63 -41.92
N SER A 269 -6.63 -17.24 -41.74
CA SER A 269 -5.35 -16.71 -42.23
C SER A 269 -5.32 -16.64 -43.76
N LYS A 270 -6.16 -17.45 -44.41
CA LYS A 270 -6.31 -17.44 -45.88
C LYS A 270 -7.25 -16.33 -46.36
N GLY A 271 -7.95 -15.69 -45.43
CA GLY A 271 -8.92 -14.65 -45.79
C GLY A 271 -10.37 -15.12 -45.97
N GLN A 272 -10.66 -16.36 -45.57
CA GLN A 272 -12.03 -16.87 -45.69
C GLN A 272 -12.86 -16.51 -44.48
N ASN A 273 -14.15 -16.24 -44.69
CA ASN A 273 -15.07 -16.00 -43.59
C ASN A 273 -15.31 -17.33 -42.87
N CYS A 274 -14.94 -17.37 -41.58
CA CYS A 274 -15.15 -18.57 -40.76
C CYS A 274 -16.46 -18.58 -40.01
N GLY A 275 -17.08 -17.41 -39.89
CA GLY A 275 -18.32 -17.26 -39.14
C GLY A 275 -18.38 -15.96 -38.37
N TYR A 276 -19.07 -16.00 -37.23
CA TYR A 276 -19.35 -14.80 -36.43
C TYR A 276 -19.22 -15.08 -34.93
N ARG A 277 -18.65 -14.11 -34.22
CA ARG A 277 -18.47 -14.16 -32.75
C ARG A 277 -19.47 -13.23 -32.04
N ARG A 278 -20.13 -13.74 -30.98
CA ARG A 278 -21.01 -12.95 -30.09
C ARG A 278 -20.58 -13.05 -28.62
N CYS A 279 -19.29 -13.29 -28.40
CA CYS A 279 -18.71 -13.41 -27.08
C CYS A 279 -17.38 -12.67 -27.00
N ARG A 280 -16.66 -12.84 -25.88
CA ARG A 280 -15.32 -12.26 -25.71
C ARG A 280 -14.30 -12.69 -26.78
N ALA A 281 -13.65 -11.70 -27.39
CA ALA A 281 -12.45 -11.93 -28.18
C ALA A 281 -11.29 -12.11 -27.21
N SER A 282 -10.48 -13.15 -27.40
CA SER A 282 -9.37 -13.42 -26.49
C SER A 282 -8.14 -12.57 -26.76
N GLY A 283 -8.14 -11.88 -27.91
CA GLY A 283 -6.98 -11.12 -28.36
C GLY A 283 -7.24 -9.63 -28.55
N VAL A 284 -7.94 -9.03 -27.61
CA VAL A 284 -8.14 -7.57 -27.62
C VAL A 284 -7.56 -6.94 -26.33
N LEU A 285 -7.32 -5.63 -26.33
CA LEU A 285 -6.69 -4.99 -25.17
C LEU A 285 -7.46 -5.23 -23.85
N THR A 286 -8.78 -5.19 -23.94
CA THR A 286 -9.71 -5.27 -22.80
C THR A 286 -10.04 -6.70 -22.37
N THR A 287 -9.44 -7.71 -22.99
CA THR A 287 -9.71 -9.12 -22.60
C THR A 287 -9.51 -9.33 -21.09
N SER A 288 -8.30 -9.03 -20.60
CA SER A 288 -8.00 -9.16 -19.17
C SER A 288 -8.87 -8.31 -18.26
N CYS A 289 -8.95 -7.00 -18.52
CA CYS A 289 -9.75 -6.12 -17.71
C CYS A 289 -11.25 -6.43 -17.78
N GLY A 290 -11.76 -6.66 -19.00
CA GLY A 290 -13.14 -7.07 -19.21
C GLY A 290 -13.48 -8.33 -18.42
N ASN A 291 -12.66 -9.38 -18.60
CA ASN A 291 -12.91 -10.65 -17.87
C ASN A 291 -12.88 -10.50 -16.35
N THR A 292 -11.92 -9.73 -15.84
CA THR A 292 -11.76 -9.52 -14.40
C THR A 292 -13.00 -8.82 -13.81
N LEU A 293 -13.40 -7.71 -14.45
CA LEU A 293 -14.60 -6.99 -14.04
C LEU A 293 -15.84 -7.87 -14.06
N THR A 294 -16.00 -8.65 -15.13
CA THR A 294 -17.18 -9.53 -15.28
C THR A 294 -17.17 -10.69 -14.27
N CYS A 295 -16.01 -11.31 -14.09
CA CYS A 295 -15.90 -12.40 -13.13
C CYS A 295 -16.19 -11.87 -11.73
N TYR A 296 -15.59 -10.74 -11.39
CA TYR A 296 -15.79 -10.10 -10.09
C TYR A 296 -17.23 -9.65 -9.84
N LEU A 297 -17.85 -9.07 -10.86
CA LEU A 297 -19.24 -8.63 -10.75
C LEU A 297 -20.14 -9.83 -10.47
N LYS A 298 -20.06 -10.83 -11.33
CA LYS A 298 -20.86 -12.05 -11.18
C LYS A 298 -20.59 -12.80 -9.86
N ALA A 299 -19.32 -12.96 -9.52
CA ALA A 299 -18.95 -13.69 -8.31
C ALA A 299 -19.39 -12.96 -7.06
N SER A 300 -19.18 -11.64 -7.04
CA SER A 300 -19.63 -10.81 -5.91
C SER A 300 -21.13 -10.97 -5.66
N ALA A 301 -21.91 -10.99 -6.73
CA ALA A 301 -23.34 -11.11 -6.62
C ALA A 301 -23.75 -12.52 -6.22
N ALA A 302 -23.00 -13.53 -6.69
CA ALA A 302 -23.24 -14.94 -6.33
C ALA A 302 -22.91 -15.18 -4.85
N CYS A 303 -21.92 -14.46 -4.33
CA CYS A 303 -21.55 -14.55 -2.91
C CYS A 303 -22.71 -14.09 -2.03
N ARG A 304 -23.32 -12.97 -2.41
CA ARG A 304 -24.51 -12.43 -1.72
C ARG A 304 -25.71 -13.37 -1.84
N ALA A 305 -25.89 -13.96 -3.02
CA ALA A 305 -26.96 -14.94 -3.25
C ALA A 305 -26.80 -16.18 -2.35
N ALA A 306 -25.57 -16.66 -2.23
CA ALA A 306 -25.29 -17.86 -1.46
C ALA A 306 -25.13 -17.58 0.04
N LYS A 307 -25.26 -16.30 0.41
CA LYS A 307 -25.05 -15.84 1.80
C LYS A 307 -23.72 -16.30 2.41
N LEU A 308 -22.71 -16.44 1.56
CA LEU A 308 -21.37 -16.78 2.02
C LEU A 308 -20.95 -15.77 3.08
N GLN A 309 -20.37 -16.26 4.18
CA GLN A 309 -20.03 -15.44 5.33
C GLN A 309 -18.58 -14.95 5.34
N ASP A 310 -18.44 -13.62 5.47
CA ASP A 310 -17.16 -12.92 5.46
C ASP A 310 -16.29 -13.33 4.26
N CYS A 311 -16.88 -13.18 3.08
CA CYS A 311 -16.23 -13.48 1.81
C CYS A 311 -15.06 -12.58 1.48
N THR A 312 -14.00 -13.20 0.95
CA THR A 312 -12.90 -12.47 0.33
C THR A 312 -12.61 -13.12 -1.01
N MET A 313 -12.69 -12.32 -2.07
CA MET A 313 -12.45 -12.78 -3.43
C MET A 313 -11.07 -12.34 -3.93
N LEU A 314 -10.46 -13.21 -4.72
CA LEU A 314 -9.25 -12.86 -5.45
C LEU A 314 -9.46 -13.25 -6.90
N VAL A 315 -9.35 -12.24 -7.78
CA VAL A 315 -9.79 -12.39 -9.17
C VAL A 315 -8.69 -11.96 -10.14
N ASN A 316 -8.34 -12.86 -11.07
CA ASN A 316 -7.37 -12.61 -12.10
C ASN A 316 -8.01 -12.98 -13.44
N GLY A 317 -8.63 -12.01 -14.10
CA GLY A 317 -9.42 -12.29 -15.30
C GLY A 317 -10.50 -13.32 -15.00
N ASP A 318 -10.45 -14.43 -15.71
CA ASP A 318 -11.40 -15.52 -15.52
C ASP A 318 -11.11 -16.44 -14.32
N ASP A 319 -9.98 -16.19 -13.64
CA ASP A 319 -9.55 -17.06 -12.54
C ASP A 319 -10.05 -16.50 -11.20
N LEU A 320 -10.78 -17.33 -10.46
CA LEU A 320 -11.46 -16.88 -9.25
C LEU A 320 -11.19 -17.79 -8.06
N VAL A 321 -10.81 -17.18 -6.94
CA VAL A 321 -10.77 -17.92 -5.68
C VAL A 321 -11.45 -17.09 -4.56
N VAL A 322 -12.19 -17.80 -3.69
CA VAL A 322 -12.93 -17.19 -2.60
C VAL A 322 -12.51 -17.86 -1.28
N ILE A 323 -12.25 -17.04 -0.27
CA ILE A 323 -11.98 -17.53 1.08
C ILE A 323 -13.07 -16.94 1.97
N CYS A 324 -13.69 -17.78 2.80
CA CYS A 324 -14.79 -17.33 3.66
C CYS A 324 -14.81 -18.09 5.00
N GLU A 325 -15.81 -17.80 5.83
CA GLU A 325 -16.02 -18.54 7.07
C GLU A 325 -16.81 -19.81 6.81
N SER A 326 -16.27 -20.94 7.24
CA SER A 326 -16.98 -22.22 7.17
C SER A 326 -18.21 -22.26 8.05
N ALA A 327 -19.20 -23.04 7.63
CA ALA A 327 -20.38 -23.36 8.42
C ALA A 327 -20.48 -24.87 8.62
N GLY A 328 -19.35 -25.55 8.52
CA GLY A 328 -19.30 -27.02 8.46
C GLY A 328 -19.42 -27.55 7.04
N THR A 329 -19.00 -28.79 6.83
CA THR A 329 -18.90 -29.34 5.48
C THR A 329 -20.23 -29.42 4.74
N GLN A 330 -21.30 -29.77 5.46
CA GLN A 330 -22.63 -29.93 4.87
C GLN A 330 -23.18 -28.59 4.36
N GLU A 331 -23.10 -27.56 5.19
CA GLU A 331 -23.55 -26.22 4.83
C GLU A 331 -22.62 -25.56 3.79
N ASP A 332 -21.34 -25.90 3.83
CA ASP A 332 -20.38 -25.35 2.85
C ASP A 332 -20.70 -25.90 1.47
N ALA A 333 -21.00 -27.21 1.41
CA ALA A 333 -21.35 -27.85 0.15
C ALA A 333 -22.63 -27.25 -0.42
N ALA A 334 -23.60 -27.00 0.47
CA ALA A 334 -24.89 -26.40 0.11
C ALA A 334 -24.68 -24.97 -0.38
N SER A 335 -23.85 -24.23 0.33
CA SER A 335 -23.52 -22.84 -0.02
C SER A 335 -22.92 -22.75 -1.42
N LEU A 336 -21.94 -23.61 -1.71
CA LEU A 336 -21.29 -23.60 -3.03
C LEU A 336 -22.26 -23.97 -4.14
N ARG A 337 -23.15 -24.94 -3.89
CA ARG A 337 -24.18 -25.30 -4.88
C ARG A 337 -25.05 -24.09 -5.24
N VAL A 338 -25.37 -23.27 -4.24
CA VAL A 338 -26.17 -22.07 -4.46
C VAL A 338 -25.32 -21.01 -5.19
N PHE A 339 -24.07 -20.85 -4.76
CA PHE A 339 -23.11 -19.96 -5.43
C PHE A 339 -23.01 -20.32 -6.92
N THR A 340 -22.90 -21.62 -7.19
CA THR A 340 -22.82 -22.17 -8.54
C THR A 340 -24.13 -21.99 -9.34
N GLU A 341 -25.27 -22.18 -8.69
CA GLU A 341 -26.56 -21.87 -9.30
C GLU A 341 -26.66 -20.40 -9.75
N ALA A 342 -26.26 -19.48 -8.86
CA ALA A 342 -26.23 -18.02 -9.16
C ALA A 342 -25.30 -17.67 -10.33
N MET A 343 -24.06 -18.13 -10.26
CA MET A 343 -23.11 -17.99 -11.38
C MET A 343 -23.70 -18.51 -12.69
N THR A 344 -24.36 -19.67 -12.63
CA THR A 344 -24.97 -20.28 -13.82
C THR A 344 -26.03 -19.38 -14.45
N ARG A 345 -26.89 -18.80 -13.61
CA ARG A 345 -27.93 -17.89 -14.05
C ARG A 345 -27.32 -16.65 -14.69
N TYR A 346 -26.14 -16.25 -14.20
CA TYR A 346 -25.45 -15.07 -14.74
C TYR A 346 -24.64 -15.43 -15.96
N SER A 347 -24.74 -16.67 -16.43
CA SER A 347 -23.96 -17.12 -17.58
C SER A 347 -22.46 -17.27 -17.25
N ALA A 348 -22.17 -17.99 -16.18
CA ALA A 348 -20.83 -18.46 -15.88
C ALA A 348 -20.94 -19.82 -15.20
N PRO A 349 -21.44 -20.84 -15.94
CA PRO A 349 -21.53 -22.18 -15.32
C PRO A 349 -20.13 -22.83 -15.18
N PRO A 350 -19.98 -23.78 -14.23
CA PRO A 350 -18.64 -24.31 -13.93
C PRO A 350 -18.18 -25.40 -14.90
N GLY A 351 -16.87 -25.58 -14.99
CA GLY A 351 -16.30 -26.75 -15.65
C GLY A 351 -16.31 -27.87 -14.63
N ASP A 352 -15.29 -27.89 -13.78
CA ASP A 352 -15.31 -28.71 -12.58
C ASP A 352 -16.17 -27.99 -11.56
N PRO A 353 -17.16 -28.68 -10.96
CA PRO A 353 -17.91 -28.04 -9.88
C PRO A 353 -16.96 -27.69 -8.72
N PRO A 354 -17.22 -26.57 -8.02
CA PRO A 354 -16.29 -26.20 -6.97
C PRO A 354 -16.38 -27.15 -5.77
N GLN A 355 -15.29 -27.28 -5.03
CA GLN A 355 -15.27 -28.08 -3.80
C GLN A 355 -14.65 -27.26 -2.68
N PRO A 356 -15.28 -27.29 -1.49
CA PRO A 356 -14.70 -26.56 -0.37
C PRO A 356 -13.39 -27.20 0.05
N GLU A 357 -12.43 -26.37 0.42
CA GLU A 357 -11.13 -26.85 0.91
C GLU A 357 -10.82 -26.17 2.20
N TYR A 358 -10.27 -26.95 3.13
CA TYR A 358 -10.00 -26.51 4.49
C TYR A 358 -8.50 -26.47 4.76
N ASP A 359 -7.72 -26.82 3.74
CA ASP A 359 -6.27 -26.72 3.78
C ASP A 359 -5.80 -25.75 2.67
N LEU A 360 -5.27 -24.59 3.08
CA LEU A 360 -4.82 -23.56 2.14
C LEU A 360 -3.85 -24.07 1.06
N GLU A 361 -3.02 -25.05 1.43
CA GLU A 361 -2.00 -25.55 0.51
C GLU A 361 -2.62 -26.39 -0.62
N LEU A 362 -3.88 -26.76 -0.43
CA LEU A 362 -4.59 -27.58 -1.42
C LEU A 362 -5.47 -26.76 -2.34
N ILE A 363 -5.48 -25.44 -2.15
CA ILE A 363 -6.25 -24.57 -3.03
C ILE A 363 -5.36 -24.18 -4.21
N THR A 364 -5.80 -24.53 -5.41
CA THR A 364 -5.13 -24.12 -6.63
C THR A 364 -5.89 -22.94 -7.22
N SER A 365 -5.18 -21.82 -7.41
CA SER A 365 -5.74 -20.62 -8.03
C SER A 365 -4.64 -19.96 -8.85
N CYS A 366 -4.99 -19.52 -10.05
CA CYS A 366 -4.02 -19.19 -11.10
C CYS A 366 -2.97 -20.31 -11.25
N SER A 367 -3.45 -21.56 -11.34
CA SER A 367 -2.59 -22.74 -11.52
C SER A 367 -1.51 -22.96 -10.45
N SER A 368 -1.65 -22.27 -9.32
CA SER A 368 -0.61 -22.25 -8.30
C SER A 368 -1.21 -22.50 -6.92
N ASN A 369 -0.35 -22.84 -5.95
CA ASN A 369 -0.78 -22.98 -4.56
C ASN A 369 0.26 -22.44 -3.59
N VAL A 370 -0.19 -22.04 -2.41
CA VAL A 370 0.70 -21.65 -1.33
C VAL A 370 1.34 -22.93 -0.78
N SER A 371 2.66 -22.88 -0.55
CA SER A 371 3.35 -23.95 0.18
C SER A 371 4.32 -23.35 1.21
N VAL A 372 4.91 -24.21 2.05
CA VAL A 372 5.84 -23.74 3.05
C VAL A 372 7.22 -24.42 2.98
N ALA A 373 8.27 -23.63 3.13
CA ALA A 373 9.63 -24.13 3.35
C ALA A 373 10.29 -23.30 4.45
N HIS A 374 11.60 -23.44 4.63
CA HIS A 374 12.31 -22.79 5.72
C HIS A 374 13.50 -22.00 5.21
N ASP A 375 13.75 -20.84 5.81
CA ASP A 375 14.87 -20.01 5.42
C ASP A 375 16.17 -20.41 6.17
N ALA A 376 17.20 -19.58 6.09
CA ALA A 376 18.47 -19.91 6.74
C ALA A 376 18.34 -20.06 8.28
N SER A 377 17.54 -19.18 8.89
CA SER A 377 17.31 -19.17 10.34
C SER A 377 16.49 -20.34 10.87
N GLY A 378 15.84 -21.09 9.98
CA GLY A 378 14.91 -22.16 10.37
C GLY A 378 13.48 -21.66 10.39
N LYS A 379 13.32 -20.36 10.14
CA LYS A 379 12.02 -19.69 10.18
C LYS A 379 11.18 -20.06 8.97
N ARG A 380 9.95 -20.48 9.22
CA ARG A 380 8.99 -20.84 8.18
C ARG A 380 8.71 -19.67 7.26
N VAL A 381 8.72 -19.93 5.96
CA VAL A 381 8.44 -18.92 4.96
C VAL A 381 7.46 -19.47 3.93
N TYR A 382 6.35 -18.77 3.72
CA TYR A 382 5.38 -19.13 2.67
C TYR A 382 5.82 -18.65 1.31
N TYR A 383 5.48 -19.43 0.28
CA TYR A 383 5.82 -19.08 -1.10
C TYR A 383 4.84 -19.75 -2.07
N LEU A 384 4.82 -19.24 -3.29
CA LEU A 384 3.93 -19.73 -4.33
C LEU A 384 4.63 -20.75 -5.21
N THR A 385 3.99 -21.90 -5.39
CA THR A 385 4.47 -22.93 -6.26
C THR A 385 3.36 -23.47 -7.17
N ARG A 386 3.71 -24.41 -8.03
CA ARG A 386 2.74 -25.07 -8.88
C ARG A 386 3.27 -26.43 -9.28
N ASP A 387 2.40 -27.28 -9.79
CA ASP A 387 2.82 -28.52 -10.41
C ASP A 387 3.76 -28.18 -11.57
N PRO A 388 4.98 -28.73 -11.56
CA PRO A 388 6.02 -28.33 -12.52
C PRO A 388 5.93 -29.00 -13.91
N THR A 389 4.90 -29.84 -14.11
CA THR A 389 4.75 -30.62 -15.36
C THR A 389 4.71 -29.76 -16.63
N THR A 390 3.83 -28.75 -16.66
CA THR A 390 3.74 -27.92 -17.86
C THR A 390 5.04 -27.10 -18.05
N PRO A 391 5.49 -26.41 -16.99
CA PRO A 391 6.81 -25.78 -17.03
C PRO A 391 7.95 -26.64 -17.61
N LEU A 392 8.02 -27.91 -17.24
CA LEU A 392 9.08 -28.80 -17.75
C LEU A 392 8.84 -29.27 -19.18
N ALA A 393 7.59 -29.59 -19.52
CA ALA A 393 7.23 -29.87 -20.91
C ALA A 393 7.65 -28.70 -21.82
N ARG A 394 7.31 -27.48 -21.42
CA ARG A 394 7.69 -26.28 -22.21
C ARG A 394 9.20 -26.05 -22.27
N ALA A 395 9.88 -26.16 -21.12
CA ALA A 395 11.34 -26.12 -21.06
C ALA A 395 12.02 -27.10 -22.04
N ALA A 396 11.45 -28.30 -22.19
CA ALA A 396 11.94 -29.29 -23.15
C ALA A 396 11.79 -28.82 -24.59
N TRP A 397 10.63 -28.27 -24.92
CA TRP A 397 10.43 -27.70 -26.23
C TRP A 397 11.47 -26.62 -26.50
N GLU A 398 11.64 -25.74 -25.51
CA GLU A 398 12.57 -24.59 -25.59
C GLU A 398 14.06 -24.97 -25.66
N THR A 399 14.39 -26.15 -25.16
CA THR A 399 15.75 -26.72 -25.26
C THR A 399 16.15 -26.98 -26.72
N ALA A 400 15.19 -27.36 -27.57
CA ALA A 400 15.49 -27.65 -28.98
C ALA A 400 15.05 -26.56 -29.96
N ARG A 401 14.15 -25.67 -29.53
CA ARG A 401 13.60 -24.63 -30.40
C ARG A 401 13.61 -23.24 -29.79
N HIS A 402 14.04 -22.26 -30.59
CA HIS A 402 13.82 -20.87 -30.25
C HIS A 402 12.33 -20.52 -30.38
N THR A 403 11.81 -19.90 -29.34
CA THR A 403 10.41 -19.49 -29.29
C THR A 403 10.38 -17.99 -29.02
N PRO A 404 9.31 -17.31 -29.49
CA PRO A 404 9.13 -15.88 -29.20
C PRO A 404 9.02 -15.54 -27.71
N VAL A 405 8.45 -16.44 -26.91
CA VAL A 405 8.35 -16.27 -25.47
C VAL A 405 9.10 -17.42 -24.78
N ASN A 406 9.99 -17.05 -23.86
CA ASN A 406 10.77 -18.04 -23.13
C ASN A 406 10.15 -18.37 -21.79
N SER A 407 9.32 -19.41 -21.77
CA SER A 407 8.59 -19.76 -20.55
C SER A 407 9.53 -20.14 -19.42
N TRP A 408 10.68 -20.72 -19.74
CA TRP A 408 11.67 -21.06 -18.73
C TRP A 408 12.08 -19.81 -17.94
N LEU A 409 12.27 -18.68 -18.63
CA LEU A 409 12.74 -17.49 -17.97
C LEU A 409 11.63 -16.87 -17.14
N GLY A 410 10.40 -16.95 -17.67
CA GLY A 410 9.22 -16.48 -16.96
C GLY A 410 9.02 -17.30 -15.70
N ASN A 411 9.12 -18.62 -15.83
CA ASN A 411 8.97 -19.52 -14.68
C ASN A 411 10.03 -19.34 -13.61
N ILE A 412 11.28 -19.05 -14.01
CA ILE A 412 12.33 -18.80 -13.01
C ILE A 412 12.01 -17.52 -12.25
N ILE A 413 11.63 -16.46 -12.96
CA ILE A 413 11.24 -15.20 -12.32
C ILE A 413 10.10 -15.42 -11.32
N MET A 414 8.98 -15.98 -11.79
CA MET A 414 7.77 -16.11 -10.99
C MET A 414 7.86 -17.21 -9.91
N TYR A 415 8.66 -18.24 -10.18
CA TYR A 415 8.73 -19.40 -9.28
C TYR A 415 10.14 -19.65 -8.71
N ALA A 416 10.94 -18.59 -8.66
CA ALA A 416 12.30 -18.67 -8.12
C ALA A 416 12.46 -19.38 -6.77
N PRO A 417 11.58 -19.10 -5.78
CA PRO A 417 11.74 -19.79 -4.48
C PRO A 417 11.48 -21.31 -4.53
N THR A 418 10.96 -21.80 -5.66
CA THR A 418 10.56 -23.21 -5.75
C THR A 418 11.71 -24.19 -5.94
N LEU A 419 11.52 -25.38 -5.39
CA LEU A 419 12.46 -26.49 -5.49
C LEU A 419 12.77 -26.87 -6.93
N TRP A 420 11.74 -26.98 -7.76
CA TRP A 420 11.90 -27.38 -9.15
C TRP A 420 12.50 -26.27 -10.05
N ALA A 421 12.16 -25.01 -9.78
CA ALA A 421 12.72 -23.91 -10.60
C ALA A 421 14.20 -23.68 -10.28
N ARG A 422 14.56 -23.82 -9.02
CA ARG A 422 15.96 -23.67 -8.59
C ARG A 422 16.82 -24.82 -9.07
N MET A 423 16.40 -26.04 -8.78
CA MET A 423 17.26 -27.19 -9.03
C MET A 423 17.34 -27.55 -10.51
N ILE A 424 16.25 -27.32 -11.24
CA ILE A 424 16.15 -27.83 -12.60
C ILE A 424 16.23 -26.72 -13.64
N LEU A 425 15.31 -25.77 -13.60
CA LEU A 425 15.27 -24.71 -14.60
C LEU A 425 16.54 -23.84 -14.61
N MET A 426 16.95 -23.35 -13.44
CA MET A 426 18.19 -22.57 -13.34
C MET A 426 19.42 -23.35 -13.83
N THR A 427 19.63 -24.55 -13.29
CA THR A 427 20.71 -25.44 -13.68
C THR A 427 20.76 -25.69 -15.19
N HIS A 428 19.63 -26.12 -15.75
CA HIS A 428 19.54 -26.48 -17.17
C HIS A 428 19.89 -25.31 -18.09
N PHE A 429 19.22 -24.19 -17.89
CA PHE A 429 19.29 -23.10 -18.87
C PHE A 429 20.53 -22.25 -18.69
N PHE A 430 21.06 -22.17 -17.48
CA PHE A 430 22.36 -21.52 -17.32
C PHE A 430 23.47 -22.32 -17.97
N SER A 431 23.35 -23.63 -17.92
CA SER A 431 24.27 -24.51 -18.63
C SER A 431 24.23 -24.20 -20.12
N ILE A 432 23.02 -24.14 -20.67
CA ILE A 432 22.84 -23.81 -22.09
C ILE A 432 23.44 -22.42 -22.42
N LEU A 433 23.18 -21.44 -21.58
CA LEU A 433 23.69 -20.08 -21.84
C LEU A 433 25.23 -20.02 -21.75
N LEU A 434 25.80 -20.73 -20.77
CA LEU A 434 27.26 -20.84 -20.64
C LEU A 434 27.92 -21.40 -21.90
N ALA A 435 27.36 -22.49 -22.42
CA ALA A 435 27.90 -23.19 -23.60
C ALA A 435 27.92 -22.32 -24.86
N GLN A 436 26.92 -21.45 -25.01
CA GLN A 436 26.82 -20.57 -26.17
C GLN A 436 27.44 -19.19 -25.93
N GLU A 437 27.93 -18.96 -24.72
CA GLU A 437 28.34 -17.62 -24.26
C GLU A 437 27.25 -16.58 -24.56
N GLN A 438 26.02 -16.88 -24.12
CA GLN A 438 24.89 -15.97 -24.36
C GLN A 438 24.28 -15.43 -23.08
N LEU A 439 25.07 -15.44 -22.00
CA LEU A 439 24.60 -14.90 -20.73
C LEU A 439 24.10 -13.46 -20.85
N GLU A 440 24.75 -12.67 -21.72
CA GLU A 440 24.46 -11.25 -21.87
C GLU A 440 23.30 -10.95 -22.84
N LYS A 441 22.80 -11.97 -23.54
CA LYS A 441 21.76 -11.75 -24.54
C LYS A 441 20.36 -11.67 -23.92
N ALA A 442 19.70 -10.53 -24.11
CA ALA A 442 18.33 -10.32 -23.61
C ALA A 442 17.35 -11.26 -24.28
N LEU A 443 16.42 -11.79 -23.48
CA LEU A 443 15.40 -12.72 -23.97
C LEU A 443 14.00 -12.23 -23.61
N ASP A 444 13.05 -12.43 -24.52
CA ASP A 444 11.66 -12.07 -24.28
C ASP A 444 10.95 -13.13 -23.41
N CYS A 445 10.24 -12.66 -22.38
CA CYS A 445 9.32 -13.52 -21.65
C CYS A 445 7.95 -12.86 -21.45
N GLN A 446 6.98 -13.62 -20.94
CA GLN A 446 5.64 -13.07 -20.65
C GLN A 446 5.26 -13.17 -19.18
N ILE A 447 4.85 -12.05 -18.61
CA ILE A 447 4.38 -11.98 -17.23
C ILE A 447 3.02 -11.27 -17.18
N TYR A 448 2.02 -11.94 -16.58
CA TYR A 448 0.64 -11.43 -16.57
C TYR A 448 0.21 -10.94 -17.97
N GLY A 449 0.67 -11.65 -19.01
CA GLY A 449 0.21 -11.45 -20.38
C GLY A 449 1.05 -10.49 -21.20
N ALA A 450 1.86 -9.68 -20.53
CA ALA A 450 2.67 -8.65 -21.20
C ALA A 450 4.08 -9.17 -21.44
N CYS A 451 4.69 -8.69 -22.53
CA CYS A 451 6.00 -9.17 -22.97
C CYS A 451 7.13 -8.31 -22.42
N TYR A 452 8.13 -8.96 -21.84
CA TYR A 452 9.29 -8.26 -21.26
C TYR A 452 10.58 -8.79 -21.85
N SER A 453 11.49 -7.89 -22.21
CA SER A 453 12.84 -8.28 -22.59
C SER A 453 13.72 -8.26 -21.33
N ILE A 454 14.31 -9.41 -21.03
CA ILE A 454 15.00 -9.63 -19.76
C ILE A 454 16.41 -10.15 -20.04
N GLU A 455 17.38 -9.57 -19.34
CA GLU A 455 18.74 -10.06 -19.39
C GLU A 455 18.91 -11.09 -18.27
N PRO A 456 19.17 -12.36 -18.62
CA PRO A 456 19.34 -13.44 -17.64
C PRO A 456 20.32 -13.10 -16.51
N LEU A 457 21.35 -12.29 -16.80
CA LEU A 457 22.33 -11.89 -15.78
C LEU A 457 21.71 -11.01 -14.68
N ASP A 458 20.54 -10.41 -14.95
CA ASP A 458 19.81 -9.61 -13.97
C ASP A 458 18.98 -10.46 -13.02
N LEU A 459 18.92 -11.77 -13.30
CA LEU A 459 18.08 -12.64 -12.49
C LEU A 459 18.26 -12.49 -10.99
N PRO A 460 19.51 -12.53 -10.47
CA PRO A 460 19.66 -12.39 -9.01
C PRO A 460 19.07 -11.09 -8.44
N GLN A 461 19.25 -9.96 -9.12
CA GLN A 461 18.64 -8.70 -8.70
C GLN A 461 17.11 -8.76 -8.76
N ILE A 462 16.60 -9.34 -9.86
CA ILE A 462 15.15 -9.49 -10.05
C ILE A 462 14.53 -10.32 -8.91
N ILE A 463 15.12 -11.48 -8.64
CA ILE A 463 14.64 -12.38 -7.58
C ILE A 463 14.75 -11.75 -6.18
N GLU A 464 15.86 -11.06 -5.89
CA GLU A 464 16.03 -10.37 -4.60
C GLU A 464 14.92 -9.34 -4.37
N ARG A 465 14.64 -8.54 -5.41
CA ARG A 465 13.62 -7.51 -5.31
C ARG A 465 12.20 -8.09 -5.17
N LEU A 466 11.88 -9.12 -5.95
CA LEU A 466 10.51 -9.67 -5.92
C LEU A 466 10.24 -10.61 -4.76
N HIS A 467 11.23 -11.44 -4.43
CA HIS A 467 11.05 -12.52 -3.46
C HIS A 467 11.88 -12.34 -2.18
N GLY A 468 12.87 -11.46 -2.22
CA GLY A 468 13.81 -11.32 -1.10
C GLY A 468 14.92 -12.37 -1.11
N LEU A 469 16.02 -12.06 -0.43
CA LEU A 469 17.20 -12.94 -0.33
C LEU A 469 16.85 -14.33 0.17
N SER A 470 15.71 -14.41 0.84
CA SER A 470 15.17 -15.67 1.32
C SER A 470 15.12 -16.73 0.21
N ALA A 471 14.80 -16.29 -1.01
CA ALA A 471 14.63 -17.17 -2.16
C ALA A 471 15.89 -17.97 -2.53
N PHE A 472 17.06 -17.43 -2.19
CA PHE A 472 18.32 -18.10 -2.39
C PHE A 472 18.74 -19.02 -1.23
N SER A 473 17.90 -19.13 -0.20
CA SER A 473 18.25 -19.88 1.01
C SER A 473 17.23 -20.94 1.45
N LEU A 474 16.07 -21.00 0.77
CA LEU A 474 14.99 -21.91 1.18
C LEU A 474 15.38 -23.38 1.19
N HIS A 475 14.89 -24.08 2.20
CA HIS A 475 15.18 -25.50 2.37
C HIS A 475 14.07 -26.16 3.19
N SER A 476 14.11 -27.49 3.26
CA SER A 476 13.13 -28.28 4.01
C SER A 476 11.72 -27.96 3.49
N TYR A 477 11.53 -28.30 2.22
CA TYR A 477 10.26 -28.14 1.53
C TYR A 477 9.29 -29.16 2.08
N SER A 478 8.01 -28.97 1.78
CA SER A 478 6.96 -29.82 2.37
C SER A 478 6.90 -31.20 1.72
N PRO A 479 6.52 -32.24 2.50
CA PRO A 479 6.39 -33.60 1.97
C PRO A 479 5.50 -33.66 0.71
N GLY A 480 4.39 -32.91 0.72
CA GLY A 480 3.50 -32.84 -0.44
C GLY A 480 4.20 -32.25 -1.66
N GLU A 481 4.96 -31.18 -1.44
CA GLU A 481 5.66 -30.51 -2.54
C GLU A 481 6.75 -31.39 -3.14
N ILE A 482 7.61 -31.93 -2.27
CA ILE A 482 8.65 -32.87 -2.67
C ILE A 482 8.08 -34.07 -3.44
N ASN A 483 7.02 -34.68 -2.91
CA ASN A 483 6.37 -35.79 -3.62
C ASN A 483 5.83 -35.41 -5.00
N ARG A 484 5.25 -34.21 -5.13
CA ARG A 484 4.69 -33.78 -6.41
C ARG A 484 5.79 -33.59 -7.45
N VAL A 485 6.91 -32.99 -7.02
CA VAL A 485 8.06 -32.80 -7.90
C VAL A 485 8.61 -34.17 -8.31
N ALA A 486 8.89 -35.03 -7.34
CA ALA A 486 9.42 -36.38 -7.60
C ALA A 486 8.53 -37.18 -8.56
N SER A 487 7.24 -37.18 -8.29
CA SER A 487 6.24 -37.80 -9.18
C SER A 487 6.33 -37.26 -10.62
N CYS A 488 6.48 -35.95 -10.75
CA CYS A 488 6.56 -35.33 -12.07
C CYS A 488 7.80 -35.83 -12.82
N LEU A 489 8.93 -35.88 -12.13
CA LEU A 489 10.19 -36.29 -12.74
C LEU A 489 10.14 -37.74 -13.24
N ARG A 490 9.47 -38.62 -12.48
CA ARG A 490 9.25 -40.00 -12.87
C ARG A 490 8.38 -40.11 -14.11
N LYS A 491 7.35 -39.26 -14.17
CA LYS A 491 6.43 -39.21 -15.31
C LYS A 491 7.15 -38.84 -16.61
N LEU A 492 7.91 -37.74 -16.56
CA LEU A 492 8.57 -37.20 -17.73
C LEU A 492 9.93 -37.83 -18.02
N GLY A 493 10.45 -38.61 -17.06
CA GLY A 493 11.79 -39.20 -17.20
C GLY A 493 12.88 -38.15 -17.11
N VAL A 494 12.73 -37.25 -16.13
CA VAL A 494 13.71 -36.24 -15.78
C VAL A 494 14.66 -36.84 -14.74
N PRO A 495 15.98 -36.58 -14.88
CA PRO A 495 16.96 -37.06 -13.91
C PRO A 495 16.62 -36.66 -12.47
N PRO A 496 16.92 -37.54 -11.50
CA PRO A 496 16.66 -37.25 -10.09
C PRO A 496 17.37 -35.99 -9.61
N LEU A 497 16.80 -35.35 -8.59
CA LEU A 497 17.28 -34.08 -8.08
C LEU A 497 18.75 -34.07 -7.65
N ARG A 498 19.32 -35.25 -7.43
CA ARG A 498 20.72 -35.37 -7.05
C ARG A 498 21.67 -35.23 -8.25
N VAL A 499 21.17 -35.55 -9.45
CA VAL A 499 21.95 -35.32 -10.67
C VAL A 499 22.03 -33.80 -10.91
N TRP A 500 20.90 -33.13 -10.71
CA TRP A 500 20.81 -31.68 -10.85
C TRP A 500 21.69 -30.92 -9.89
N ARG A 501 21.80 -31.41 -8.64
CA ARG A 501 22.74 -30.85 -7.67
C ARG A 501 24.18 -31.01 -8.17
N HIS A 502 24.48 -32.19 -8.72
CA HIS A 502 25.79 -32.46 -9.30
C HIS A 502 26.08 -31.49 -10.45
N ARG A 503 25.16 -31.40 -11.41
CA ARG A 503 25.30 -30.46 -12.54
C ARG A 503 25.40 -29.01 -12.07
N ALA A 504 24.65 -28.66 -11.02
CA ALA A 504 24.62 -27.28 -10.52
C ALA A 504 25.97 -26.83 -9.98
N ARG A 505 26.67 -27.73 -9.28
CA ARG A 505 28.02 -27.47 -8.78
C ARG A 505 28.93 -27.02 -9.92
N SER A 506 28.88 -27.76 -11.04
CA SER A 506 29.61 -27.41 -12.24
C SER A 506 29.20 -26.05 -12.82
N VAL A 507 27.89 -25.83 -12.96
CA VAL A 507 27.39 -24.57 -13.50
C VAL A 507 27.75 -23.40 -12.59
N ARG A 508 27.62 -23.59 -11.29
CA ARG A 508 28.08 -22.60 -10.29
C ARG A 508 29.55 -22.23 -10.47
N ALA A 509 30.40 -23.26 -10.54
CA ALA A 509 31.86 -23.05 -10.65
C ALA A 509 32.22 -22.32 -11.94
N ARG A 510 31.60 -22.72 -13.05
CA ARG A 510 31.81 -22.08 -14.34
C ARG A 510 31.41 -20.62 -14.28
N LEU A 511 30.26 -20.34 -13.67
CA LEU A 511 29.80 -18.96 -13.50
C LEU A 511 30.75 -18.11 -12.64
N LEU A 512 31.22 -18.68 -11.53
CA LEU A 512 32.15 -17.99 -10.64
C LEU A 512 33.44 -17.59 -11.37
N SER A 513 33.95 -18.51 -12.20
CA SER A 513 35.16 -18.26 -13.02
C SER A 513 35.05 -17.05 -13.93
N GLN A 514 33.85 -16.71 -14.38
CA GLN A 514 33.66 -15.60 -15.32
C GLN A 514 33.76 -14.25 -14.62
N GLY A 515 33.62 -14.24 -13.30
CA GLY A 515 33.56 -13.00 -12.53
C GLY A 515 32.34 -12.18 -12.90
N GLY A 516 32.31 -10.92 -12.44
CA GLY A 516 31.22 -10.01 -12.76
C GLY A 516 29.82 -10.50 -12.45
N ARG A 517 28.85 -10.06 -13.26
CA ARG A 517 27.44 -10.46 -13.12
C ARG A 517 27.25 -11.98 -13.15
N ALA A 518 28.03 -12.66 -13.98
CA ALA A 518 28.00 -14.12 -14.08
C ALA A 518 28.35 -14.79 -12.76
N ALA A 519 29.40 -14.29 -12.10
CA ALA A 519 29.77 -14.78 -10.76
C ALA A 519 28.66 -14.54 -9.75
N THR A 520 28.01 -13.39 -9.85
CA THR A 520 26.85 -13.06 -9.00
C THR A 520 25.74 -14.10 -9.17
N CYS A 521 25.49 -14.50 -10.42
CA CYS A 521 24.56 -15.59 -10.70
C CYS A 521 24.99 -16.89 -10.03
N GLY A 522 26.28 -17.21 -10.12
CA GLY A 522 26.82 -18.40 -9.49
C GLY A 522 26.58 -18.41 -7.99
N LYS A 523 26.94 -17.31 -7.34
CA LYS A 523 26.84 -17.19 -5.89
C LYS A 523 25.40 -17.27 -5.34
N TYR A 524 24.48 -16.51 -5.92
CA TYR A 524 23.12 -16.41 -5.37
C TYR A 524 22.21 -17.53 -5.86
N LEU A 525 22.21 -17.75 -7.18
CA LEU A 525 21.31 -18.70 -7.82
C LEU A 525 21.61 -20.14 -7.45
N PHE A 526 22.87 -20.44 -7.15
CA PHE A 526 23.32 -21.81 -6.92
C PHE A 526 23.91 -22.11 -5.54
N ASN A 527 23.67 -21.23 -4.57
CA ASN A 527 24.15 -21.45 -3.20
C ASN A 527 23.57 -22.71 -2.57
N TRP A 528 22.38 -23.13 -3.03
CA TRP A 528 21.77 -24.38 -2.60
C TRP A 528 22.62 -25.62 -2.91
N ALA A 529 23.46 -25.52 -3.95
CA ALA A 529 24.18 -26.67 -4.51
C ALA A 529 25.43 -27.09 -3.72
N VAL A 530 25.92 -26.20 -2.87
CA VAL A 530 27.15 -26.48 -2.12
C VAL A 530 26.88 -26.84 -0.65
N LYS A 531 27.73 -27.70 -0.09
CA LYS A 531 27.63 -28.10 1.32
C LYS A 531 27.93 -26.93 2.25
N THR A 532 29.06 -26.26 2.04
CA THR A 532 29.39 -25.06 2.79
C THR A 532 29.11 -23.81 1.95
N LYS A 533 28.11 -23.07 2.37
CA LYS A 533 27.53 -21.99 1.59
C LYS A 533 28.41 -20.75 1.59
N LEU A 534 28.03 -19.75 0.79
CA LEU A 534 28.61 -18.41 0.91
C LEU A 534 27.57 -17.50 1.58
N LYS A 535 28.06 -16.42 2.21
CA LYS A 535 27.14 -15.49 2.88
C LYS A 535 26.50 -14.56 1.86
N LEU A 536 25.18 -14.57 1.84
CA LEU A 536 24.41 -13.80 0.87
C LEU A 536 23.88 -12.52 1.48
N THR A 537 24.36 -11.40 0.93
CA THR A 537 23.99 -10.06 1.37
C THR A 537 23.31 -9.37 0.18
N PRO A 538 22.62 -8.24 0.43
CA PRO A 538 21.97 -7.52 -0.67
C PRO A 538 22.91 -7.18 -1.84
N ILE A 539 22.37 -7.29 -3.06
CA ILE A 539 23.12 -6.96 -4.27
C ILE A 539 23.04 -5.46 -4.54
N PRO A 540 24.20 -4.78 -4.64
CA PRO A 540 24.25 -3.32 -4.84
C PRO A 540 23.39 -2.80 -5.99
N ALA A 541 23.58 -3.36 -7.20
CA ALA A 541 22.89 -2.87 -8.40
C ALA A 541 21.38 -3.15 -8.46
N ALA A 542 20.86 -3.87 -7.46
CA ALA A 542 19.47 -4.35 -7.45
C ALA A 542 18.42 -3.25 -7.53
N SER A 543 18.72 -2.08 -6.97
CA SER A 543 17.79 -0.95 -6.97
C SER A 543 17.66 -0.29 -8.34
N GLN A 544 18.70 -0.37 -9.15
CA GLN A 544 18.76 0.32 -10.43
C GLN A 544 17.64 -0.06 -11.42
N LEU A 545 17.30 -1.34 -11.45
CA LEU A 545 16.24 -1.86 -12.32
C LEU A 545 14.87 -1.27 -12.00
N ASP A 546 14.19 -0.77 -13.04
CA ASP A 546 12.86 -0.21 -12.88
C ASP A 546 11.78 -1.28 -13.06
N LEU A 547 11.35 -1.86 -11.95
CA LEU A 547 10.37 -2.93 -11.97
C LEU A 547 8.94 -2.39 -11.85
N SER A 548 8.81 -1.07 -11.97
CA SER A 548 7.51 -0.42 -12.07
C SER A 548 6.81 -0.87 -13.36
N GLY A 549 5.52 -1.16 -13.25
CA GLY A 549 4.74 -1.64 -14.37
C GLY A 549 4.63 -3.15 -14.44
N TRP A 550 5.46 -3.86 -13.68
CA TRP A 550 5.51 -5.33 -13.74
C TRP A 550 4.25 -6.01 -13.19
N PHE A 551 3.87 -5.61 -11.98
CA PHE A 551 2.73 -6.21 -11.31
C PHE A 551 1.73 -5.12 -11.01
N VAL A 552 1.26 -4.49 -12.08
CA VAL A 552 0.22 -3.48 -11.98
C VAL A 552 -1.09 -4.05 -12.52
N ALA A 553 -1.06 -4.62 -13.72
CA ALA A 553 -2.27 -5.12 -14.36
C ALA A 553 -1.98 -6.33 -15.24
N GLY A 554 -3.03 -7.00 -15.69
CA GLY A 554 -2.92 -8.17 -16.57
C GLY A 554 -3.33 -7.75 -17.96
N TYR A 555 -2.74 -8.40 -18.97
CA TYR A 555 -2.85 -7.95 -20.37
C TYR A 555 -2.92 -9.12 -21.34
N SER A 556 -3.44 -10.27 -20.87
CA SER A 556 -3.51 -11.45 -21.72
C SER A 556 -4.24 -11.16 -23.03
N GLY A 557 -3.57 -11.52 -24.13
CA GLY A 557 -4.11 -11.32 -25.49
C GLY A 557 -4.05 -9.86 -25.90
N GLY A 558 -3.52 -9.02 -25.02
CA GLY A 558 -3.60 -7.58 -25.14
C GLY A 558 -2.50 -6.90 -25.94
N ASP A 559 -1.55 -7.70 -26.46
CA ASP A 559 -0.54 -7.18 -27.39
C ASP A 559 0.33 -6.07 -26.76
N ILE A 560 0.78 -6.30 -25.53
CA ILE A 560 1.55 -5.32 -24.76
C ILE A 560 3.03 -5.69 -24.60
N TYR A 561 3.90 -4.71 -24.79
CA TYR A 561 5.33 -4.87 -24.62
C TYR A 561 5.82 -3.77 -23.67
N HIS A 562 6.48 -4.17 -22.58
CA HIS A 562 6.97 -3.21 -21.58
C HIS A 562 8.49 -3.14 -21.55
N SER B 1 29.19 13.74 22.34
CA SER B 1 29.34 12.72 21.26
C SER B 1 28.53 13.11 20.02
N MET B 2 28.80 12.43 18.91
CA MET B 2 28.04 12.65 17.68
C MET B 2 26.69 11.98 17.80
N SER B 3 25.64 12.68 17.41
CA SER B 3 24.28 12.12 17.41
C SER B 3 24.17 10.80 16.66
N TYR B 4 24.87 10.73 15.52
CA TYR B 4 24.90 9.54 14.66
C TYR B 4 26.30 9.30 14.10
N THR B 5 26.64 8.02 13.93
CA THR B 5 27.77 7.59 13.12
C THR B 5 27.20 6.72 11.99
N TRP B 6 27.71 6.92 10.78
CA TRP B 6 27.20 6.24 9.59
C TRP B 6 28.23 5.32 8.95
N THR B 7 27.76 4.27 8.30
CA THR B 7 28.64 3.30 7.61
C THR B 7 28.77 3.63 6.12
N GLY B 8 27.76 4.26 5.56
CA GLY B 8 27.73 4.54 4.13
C GLY B 8 26.63 3.77 3.43
N ALA B 9 26.10 2.75 4.11
CA ALA B 9 24.94 2.03 3.60
C ALA B 9 23.73 2.98 3.53
N LEU B 10 22.97 2.85 2.45
CA LEU B 10 21.82 3.72 2.22
C LEU B 10 20.60 3.38 3.08
N ILE B 11 19.80 4.40 3.36
CA ILE B 11 18.48 4.19 3.97
C ILE B 11 17.53 3.84 2.84
N THR B 12 16.97 2.63 2.91
CA THR B 12 16.26 2.03 1.80
C THR B 12 14.73 1.94 2.02
N PRO B 13 13.94 2.06 0.94
CA PRO B 13 12.50 1.87 1.01
C PRO B 13 12.08 0.40 1.06
N CYS B 14 10.88 0.14 1.57
CA CYS B 14 10.27 -1.19 1.52
C CYS B 14 9.55 -1.42 0.19
N ALA B 15 8.59 -0.57 -0.12
CA ALA B 15 7.91 -0.58 -1.41
C ALA B 15 8.37 0.61 -2.25
N ALA B 16 7.79 0.78 -3.43
CA ALA B 16 8.00 1.97 -4.24
C ALA B 16 7.40 3.18 -3.54
N GLU B 17 8.02 4.34 -3.74
CA GLU B 17 7.59 5.58 -3.10
C GLU B 17 7.21 6.60 -4.15
N GLU B 18 6.02 7.18 -4.00
CA GLU B 18 5.55 8.23 -4.89
C GLU B 18 5.90 9.59 -4.29
N SER B 19 6.42 10.49 -5.12
CA SER B 19 6.73 11.84 -4.67
C SER B 19 5.75 12.85 -5.23
N LYS B 20 5.23 12.57 -6.43
CA LYS B 20 4.27 13.45 -7.08
C LYS B 20 2.85 13.08 -6.63
N LEU B 21 2.05 14.12 -6.39
CA LEU B 21 0.66 13.96 -6.05
C LEU B 21 -0.08 13.06 -7.05
N PRO B 22 -0.63 11.92 -6.58
CA PRO B 22 -1.47 11.10 -7.43
C PRO B 22 -2.74 11.87 -7.79
N ILE B 23 -3.20 11.74 -9.03
CA ILE B 23 -4.35 12.49 -9.51
C ILE B 23 -5.47 11.56 -9.96
N ASN B 24 -6.70 11.85 -9.53
CA ASN B 24 -7.83 11.12 -10.05
C ASN B 24 -8.93 12.06 -10.54
N ALA B 25 -10.14 11.56 -10.75
CA ALA B 25 -11.23 12.41 -11.25
C ALA B 25 -11.71 13.44 -10.22
N LEU B 26 -11.39 13.20 -8.95
CA LEU B 26 -11.84 14.06 -7.85
C LEU B 26 -10.87 15.21 -7.54
N SER B 27 -9.62 15.04 -7.95
CA SER B 27 -8.52 15.94 -7.58
C SER B 27 -8.79 17.41 -7.89
N ASN B 28 -9.21 17.71 -9.11
CA ASN B 28 -9.36 19.11 -9.54
C ASN B 28 -10.43 19.87 -8.76
N SER B 29 -11.44 19.16 -8.27
CA SER B 29 -12.47 19.79 -7.46
C SER B 29 -11.92 20.34 -6.14
N LEU B 30 -10.87 19.72 -5.64
CA LEU B 30 -10.24 20.23 -4.44
C LEU B 30 -9.16 21.28 -4.75
N LEU B 31 -8.28 20.96 -5.69
CA LEU B 31 -7.04 21.69 -5.90
C LEU B 31 -6.61 21.60 -7.36
N ARG B 32 -6.15 22.72 -7.92
CA ARG B 32 -5.67 22.75 -9.31
C ARG B 32 -4.14 22.74 -9.45
N HIS B 33 -3.41 23.32 -8.50
CA HIS B 33 -1.95 23.43 -8.65
C HIS B 33 -1.25 22.21 -8.07
N HIS B 34 -1.33 21.11 -8.81
CA HIS B 34 -0.89 19.80 -8.34
C HIS B 34 0.61 19.73 -8.06
N ASN B 35 1.40 20.51 -8.81
CA ASN B 35 2.86 20.46 -8.70
C ASN B 35 3.39 21.10 -7.40
N MET B 36 2.50 21.80 -6.69
CA MET B 36 2.81 22.37 -5.38
C MET B 36 2.83 21.33 -4.25
N VAL B 37 2.22 20.17 -4.49
CA VAL B 37 2.14 19.14 -3.46
C VAL B 37 3.14 18.04 -3.75
N TYR B 38 3.87 17.63 -2.72
CA TYR B 38 4.81 16.51 -2.84
C TYR B 38 4.82 15.65 -1.59
N ALA B 39 5.36 14.44 -1.72
CA ALA B 39 5.62 13.60 -0.56
C ALA B 39 7.12 13.33 -0.49
N THR B 40 7.65 13.30 0.73
CA THR B 40 9.04 12.95 0.98
C THR B 40 9.25 11.44 0.78
N THR B 41 10.47 11.08 0.37
CA THR B 41 10.86 9.67 0.17
C THR B 41 12.32 9.47 0.60
N SER B 42 12.75 8.20 0.65
CA SER B 42 14.15 7.85 0.92
C SER B 42 15.17 8.56 0.01
N ARG B 43 14.73 8.99 -1.18
CA ARG B 43 15.63 9.68 -2.11
C ARG B 43 16.36 10.85 -1.44
N SER B 44 15.72 11.44 -0.43
CA SER B 44 16.28 12.59 0.31
C SER B 44 16.82 12.24 1.71
N ALA B 45 16.83 10.95 2.08
CA ALA B 45 17.31 10.49 3.37
C ALA B 45 18.76 10.92 3.67
N GLY B 46 19.59 10.95 2.63
CA GLY B 46 20.97 11.43 2.77
C GLY B 46 21.04 12.87 3.24
N LEU B 47 20.13 13.70 2.73
CA LEU B 47 20.07 15.10 3.12
C LEU B 47 19.71 15.25 4.59
N ARG B 48 18.68 14.49 5.02
CA ARG B 48 18.29 14.48 6.42
C ARG B 48 19.43 13.99 7.31
N GLN B 49 20.16 12.97 6.84
CA GLN B 49 21.30 12.44 7.59
C GLN B 49 22.28 13.56 7.94
N LYS B 50 22.60 14.39 6.95
CA LYS B 50 23.52 15.52 7.14
C LYS B 50 23.02 16.48 8.22
N LYS B 51 21.74 16.85 8.14
CA LYS B 51 21.12 17.81 9.06
C LYS B 51 21.09 17.32 10.52
N VAL B 52 20.92 16.02 10.74
CA VAL B 52 20.70 15.49 12.10
C VAL B 52 21.97 14.97 12.79
N THR B 53 23.10 15.03 12.08
CA THR B 53 24.37 14.49 12.55
C THR B 53 25.27 15.62 13.02
N PHE B 54 25.42 15.72 14.33
CA PHE B 54 26.32 16.71 14.92
C PHE B 54 26.78 16.32 16.30
N ASP B 55 27.87 16.96 16.72
CA ASP B 55 28.40 16.79 18.06
C ASP B 55 27.54 17.56 19.08
N ARG B 56 27.24 16.93 20.20
CA ARG B 56 26.53 17.62 21.28
C ARG B 56 27.47 17.83 22.44
N LEU B 57 27.52 19.06 22.94
CA LEU B 57 28.15 19.36 24.20
C LEU B 57 27.05 19.75 25.17
N GLN B 58 27.24 19.40 26.44
CA GLN B 58 26.26 19.66 27.47
C GLN B 58 26.91 20.19 28.76
N VAL B 59 26.41 21.33 29.22
CA VAL B 59 26.91 22.01 30.41
C VAL B 59 25.76 22.24 31.40
N LEU B 60 25.82 21.53 32.52
CA LEU B 60 24.66 21.44 33.40
C LEU B 60 24.93 22.07 34.75
N ASP B 61 24.13 23.09 35.06
CA ASP B 61 24.36 23.99 36.18
C ASP B 61 23.35 23.77 37.31
N ASP B 62 23.39 24.60 38.36
CA ASP B 62 22.50 24.39 39.52
C ASP B 62 21.00 24.48 39.21
N HIS B 63 20.59 25.44 38.38
CA HIS B 63 19.18 25.53 37.97
C HIS B 63 18.68 24.22 37.38
N TYR B 64 19.50 23.58 36.54
CA TYR B 64 19.18 22.29 35.93
C TYR B 64 18.95 21.21 36.98
N ARG B 65 19.91 21.02 37.89
CA ARG B 65 19.76 20.00 38.94
C ARG B 65 18.63 20.35 39.92
N ASP B 66 18.40 21.63 40.19
CA ASP B 66 17.31 22.08 41.08
C ASP B 66 15.93 21.69 40.53
N VAL B 67 15.71 21.96 39.24
CA VAL B 67 14.47 21.58 38.56
C VAL B 67 14.34 20.06 38.54
N LEU B 68 15.43 19.35 38.22
CA LEU B 68 15.40 17.89 38.22
C LEU B 68 15.00 17.31 39.58
N LYS B 69 15.56 17.84 40.66
CA LYS B 69 15.17 17.45 42.02
C LYS B 69 13.65 17.53 42.26
N GLU B 70 13.07 18.65 41.85
CA GLU B 70 11.62 18.91 41.95
C GLU B 70 10.79 17.90 41.17
N MET B 71 11.19 17.70 39.92
CA MET B 71 10.55 16.73 39.03
C MET B 71 10.57 15.33 39.64
N LYS B 72 11.75 14.91 40.12
CA LYS B 72 11.93 13.64 40.79
C LYS B 72 11.03 13.48 42.03
N ALA B 73 10.89 14.55 42.82
CA ALA B 73 10.00 14.54 44.00
C ALA B 73 8.55 14.30 43.60
N LYS B 74 8.13 14.95 42.51
CA LYS B 74 6.79 14.72 41.97
C LYS B 74 6.64 13.29 41.43
N ALA B 75 7.64 12.80 40.71
CA ALA B 75 7.60 11.45 40.13
C ALA B 75 7.52 10.37 41.22
N SER B 76 8.10 10.66 42.38
CA SER B 76 8.13 9.73 43.48
C SER B 76 6.72 9.42 44.06
N THR B 77 5.75 10.27 43.71
CA THR B 77 4.35 10.04 44.12
C THR B 77 3.57 9.11 43.20
N VAL B 78 4.12 8.83 42.01
CA VAL B 78 3.45 8.02 41.00
C VAL B 78 3.61 6.54 41.30
N LYS B 79 2.51 5.80 41.22
CA LYS B 79 2.56 4.31 41.26
C LYS B 79 2.06 3.78 39.93
N ALA B 80 2.90 3.00 39.26
CA ALA B 80 2.54 2.45 37.96
C ALA B 80 2.60 0.92 37.99
N LYS B 81 1.82 0.28 37.11
CA LYS B 81 1.74 -1.16 37.04
C LYS B 81 2.31 -1.67 35.73
N LEU B 82 2.76 -2.93 35.75
CA LEU B 82 3.02 -3.69 34.53
C LEU B 82 1.71 -4.02 33.83
N LEU B 83 1.68 -3.82 32.52
CA LEU B 83 0.63 -4.38 31.67
C LEU B 83 0.92 -5.86 31.45
N SER B 84 -0.14 -6.65 31.32
CA SER B 84 -0.01 -8.05 30.94
C SER B 84 0.32 -8.15 29.46
N VAL B 85 0.88 -9.29 29.04
CA VAL B 85 1.08 -9.56 27.61
C VAL B 85 -0.19 -9.18 26.85
N GLU B 86 -1.31 -9.71 27.32
CA GLU B 86 -2.62 -9.53 26.69
C GLU B 86 -2.98 -8.05 26.54
N GLU B 87 -2.90 -7.30 27.64
CA GLU B 87 -3.17 -5.86 27.63
C GLU B 87 -2.27 -5.15 26.63
N ALA B 88 -0.99 -5.50 26.63
CA ALA B 88 0.00 -4.87 25.74
C ALA B 88 -0.26 -5.23 24.29
N CYS B 89 -0.61 -6.48 24.04
CA CYS B 89 -0.99 -6.94 22.71
C CYS B 89 -2.15 -6.11 22.14
N LYS B 90 -3.15 -5.83 22.97
CA LYS B 90 -4.37 -5.16 22.49
C LYS B 90 -4.15 -3.68 22.19
N LEU B 91 -3.01 -3.13 22.60
CA LEU B 91 -2.63 -1.75 22.27
C LEU B 91 -1.86 -1.63 20.96
N THR B 92 -1.57 -2.76 20.31
CA THR B 92 -0.82 -2.79 19.05
C THR B 92 -1.75 -2.50 17.86
N PRO B 93 -1.41 -1.53 16.99
CA PRO B 93 -2.21 -1.31 15.78
C PRO B 93 -2.28 -2.54 14.88
N PRO B 94 -3.49 -2.84 14.32
CA PRO B 94 -3.63 -3.99 13.43
C PRO B 94 -2.61 -4.02 12.29
N HIS B 95 -2.17 -2.84 11.86
CA HIS B 95 -1.25 -2.71 10.73
C HIS B 95 0.19 -2.32 11.12
N SER B 96 0.55 -2.51 12.39
CA SER B 96 1.91 -2.27 12.87
C SER B 96 2.89 -3.22 12.18
N ALA B 97 4.10 -2.72 11.90
CA ALA B 97 5.14 -3.51 11.23
C ALA B 97 5.28 -4.89 11.83
N LYS B 98 5.35 -5.92 10.97
CA LYS B 98 5.46 -7.31 11.43
C LYS B 98 6.82 -7.59 12.07
N SER B 99 6.86 -8.59 12.94
CA SER B 99 8.12 -9.05 13.54
C SER B 99 9.06 -9.70 12.51
N LYS B 100 10.36 -9.67 12.80
CA LYS B 100 11.37 -10.41 12.06
C LYS B 100 11.26 -11.90 12.39
N PHE B 101 10.65 -12.20 13.52
CA PHE B 101 10.70 -13.55 14.10
C PHE B 101 9.45 -14.40 13.82
N GLY B 102 8.83 -14.19 12.66
CA GLY B 102 7.83 -15.12 12.14
C GLY B 102 6.42 -14.95 12.65
N TYR B 103 6.00 -13.71 12.84
CA TYR B 103 4.63 -13.37 13.22
C TYR B 103 4.40 -11.88 13.02
N GLY B 104 3.14 -11.48 12.91
CA GLY B 104 2.78 -10.09 12.66
C GLY B 104 1.88 -9.46 13.70
N ALA B 105 1.23 -8.36 13.32
CA ALA B 105 0.43 -7.55 14.23
C ALA B 105 -0.91 -8.16 14.64
N LYS B 106 -1.61 -8.77 13.68
CA LYS B 106 -2.86 -9.52 13.96
C LYS B 106 -2.62 -10.74 14.83
N ASP B 107 -1.47 -11.39 14.63
CA ASP B 107 -1.04 -12.50 15.50
C ASP B 107 -0.90 -12.02 16.94
N VAL B 108 -0.31 -10.83 17.10
CA VAL B 108 -0.17 -10.18 18.40
C VAL B 108 -1.56 -9.93 19.00
N ARG B 109 -2.41 -9.22 18.26
CA ARG B 109 -3.74 -8.84 18.74
C ARG B 109 -4.62 -10.05 19.04
N ASN B 110 -4.38 -11.16 18.33
CA ASN B 110 -5.14 -12.39 18.52
C ASN B 110 -4.49 -13.33 19.53
N LEU B 111 -3.37 -12.90 20.11
CA LEU B 111 -2.66 -13.67 21.15
C LEU B 111 -2.25 -15.07 20.69
N SER B 112 -1.87 -15.21 19.43
CA SER B 112 -1.42 -16.50 18.89
C SER B 112 -0.16 -16.98 19.63
N SER B 113 -0.01 -18.30 19.72
CA SER B 113 1.06 -18.90 20.54
C SER B 113 2.46 -18.43 20.12
N LYS B 114 2.69 -18.35 18.81
CA LYS B 114 3.99 -17.95 18.27
C LYS B 114 4.35 -16.53 18.74
N ALA B 115 3.39 -15.63 18.68
CA ALA B 115 3.58 -14.23 19.10
C ALA B 115 3.82 -14.10 20.60
N VAL B 116 2.94 -14.72 21.39
CA VAL B 116 2.97 -14.61 22.85
C VAL B 116 4.20 -15.29 23.45
N ASN B 117 4.62 -16.41 22.85
CA ASN B 117 5.82 -17.12 23.28
C ASN B 117 7.10 -16.32 23.00
N HIS B 118 7.16 -15.70 21.82
CA HIS B 118 8.31 -14.85 21.48
C HIS B 118 8.42 -13.63 22.39
N ILE B 119 7.29 -12.99 22.63
CA ILE B 119 7.18 -11.84 23.57
C ILE B 119 7.69 -12.18 24.97
N HIS B 120 7.32 -13.37 25.49
CA HIS B 120 7.84 -13.81 26.80
C HIS B 120 9.35 -13.99 26.76
N SER B 121 9.86 -14.48 25.63
CA SER B 121 11.30 -14.69 25.43
C SER B 121 12.05 -13.34 25.33
N VAL B 122 11.40 -12.36 24.71
CA VAL B 122 11.97 -11.00 24.64
C VAL B 122 12.04 -10.40 26.05
N TRP B 123 10.93 -10.50 26.79
CA TRP B 123 10.84 -10.04 28.19
C TRP B 123 11.90 -10.68 29.08
N LYS B 124 11.96 -12.02 29.07
CA LYS B 124 12.96 -12.76 29.82
C LYS B 124 14.39 -12.24 29.53
N ASP B 125 14.71 -12.04 28.26
CA ASP B 125 16.01 -11.52 27.85
C ASP B 125 16.24 -10.11 28.38
N LEU B 126 15.21 -9.27 28.33
CA LEU B 126 15.33 -7.93 28.97
C LEU B 126 15.73 -8.01 30.45
N LEU B 127 15.13 -8.93 31.19
CA LEU B 127 15.41 -9.05 32.63
C LEU B 127 16.83 -9.58 32.85
N GLU B 128 17.23 -10.57 32.06
CA GLU B 128 18.57 -11.17 32.13
C GLU B 128 19.72 -10.25 31.71
N ASP B 129 19.50 -9.52 30.61
CA ASP B 129 20.57 -8.80 29.92
C ASP B 129 20.30 -7.30 29.97
N THR B 130 21.20 -6.55 30.58
CA THR B 130 21.05 -5.09 30.67
C THR B 130 22.11 -4.32 29.86
N VAL B 131 22.80 -5.00 28.94
CA VAL B 131 23.95 -4.42 28.21
C VAL B 131 23.90 -4.53 26.69
N THR B 132 23.28 -5.58 26.14
CA THR B 132 23.42 -5.79 24.70
C THR B 132 22.52 -4.86 23.88
N PRO B 133 23.16 -3.96 23.08
CA PRO B 133 22.37 -3.07 22.23
C PRO B 133 21.33 -3.82 21.41
N ILE B 134 20.11 -3.33 21.44
CA ILE B 134 18.98 -3.91 20.72
C ILE B 134 18.90 -3.32 19.31
N ASP B 135 18.71 -4.18 18.32
CA ASP B 135 18.63 -3.73 16.94
C ASP B 135 17.44 -2.80 16.70
N THR B 136 17.66 -1.81 15.84
CA THR B 136 16.57 -0.98 15.33
C THR B 136 16.59 -0.98 13.81
N THR B 137 15.43 -0.73 13.22
CA THR B 137 15.33 -0.47 11.80
C THR B 137 15.26 1.04 11.58
N ILE B 138 15.97 1.53 10.58
CA ILE B 138 15.84 2.94 10.19
C ILE B 138 15.12 3.06 8.85
N MET B 139 14.12 3.93 8.79
CA MET B 139 13.32 4.13 7.58
C MET B 139 13.14 5.62 7.33
N ALA B 140 12.99 5.98 6.06
CA ALA B 140 12.58 7.35 5.69
C ALA B 140 11.06 7.48 5.62
N LYS B 141 10.53 8.49 6.31
CA LYS B 141 9.08 8.71 6.38
C LYS B 141 8.51 9.30 5.08
N ASN B 142 7.34 8.82 4.68
CA ASN B 142 6.66 9.36 3.51
C ASN B 142 5.56 10.30 4.00
N GLU B 143 5.86 11.60 4.02
CA GLU B 143 4.89 12.60 4.45
C GLU B 143 4.65 13.66 3.37
N VAL B 144 3.44 14.20 3.34
CA VAL B 144 3.00 15.12 2.30
C VAL B 144 3.08 16.58 2.78
N PHE B 145 3.68 17.44 1.95
CA PHE B 145 3.72 18.87 2.20
C PHE B 145 3.43 19.67 0.93
N CYS B 146 3.32 20.99 1.10
CA CYS B 146 3.30 21.91 -0.02
C CYS B 146 4.70 22.54 -0.13
N VAL B 147 5.17 22.77 -1.36
CA VAL B 147 6.48 23.40 -1.57
C VAL B 147 6.51 24.79 -0.91
N GLN B 148 7.63 25.10 -0.25
CA GLN B 148 7.78 26.38 0.46
C GLN B 148 9.00 27.16 -0.04
N ARG B 154 11.61 22.50 -0.32
CA ARG B 154 11.25 21.10 -0.06
C ARG B 154 12.02 20.50 1.13
N LYS B 155 11.28 19.85 2.03
CA LYS B 155 11.88 19.21 3.21
C LYS B 155 12.41 17.82 2.84
N PRO B 156 13.61 17.46 3.35
CA PRO B 156 14.06 16.08 3.25
C PRO B 156 13.20 15.19 4.14
N ALA B 157 13.15 13.90 3.82
CA ALA B 157 12.38 12.93 4.59
C ALA B 157 12.85 12.89 6.04
N ARG B 158 11.91 12.85 6.97
CA ARG B 158 12.25 12.58 8.37
C ARG B 158 12.62 11.12 8.52
N LEU B 159 13.39 10.82 9.58
CA LEU B 159 13.87 9.48 9.83
C LEU B 159 13.18 8.85 11.05
N ILE B 160 12.63 7.66 10.84
CA ILE B 160 12.01 6.91 11.93
C ILE B 160 12.92 5.74 12.29
N VAL B 161 13.08 5.52 13.59
CA VAL B 161 13.95 4.50 14.12
C VAL B 161 13.14 3.68 15.14
N PHE B 162 13.02 2.38 14.90
CA PHE B 162 12.15 1.55 15.76
C PHE B 162 12.67 0.12 15.99
N PRO B 163 12.42 -0.45 17.18
CA PRO B 163 12.84 -1.84 17.44
C PRO B 163 11.79 -2.82 16.93
N ASP B 164 12.12 -4.11 16.96
CA ASP B 164 11.18 -5.15 16.51
C ASP B 164 9.87 -5.19 17.31
N LEU B 165 8.81 -5.69 16.68
CA LEU B 165 7.48 -5.82 17.28
C LEU B 165 7.43 -6.47 18.67
N GLY B 166 8.19 -7.54 18.87
CA GLY B 166 8.27 -8.22 20.17
C GLY B 166 8.75 -7.27 21.24
N VAL B 167 9.76 -6.47 20.89
CA VAL B 167 10.31 -5.44 21.77
C VAL B 167 9.27 -4.36 22.06
N ARG B 168 8.62 -3.85 21.02
CA ARG B 168 7.56 -2.84 21.18
C ARG B 168 6.46 -3.27 22.18
N VAL B 169 6.04 -4.52 22.09
CA VAL B 169 5.05 -5.06 23.03
C VAL B 169 5.61 -5.06 24.45
N CYS B 170 6.89 -5.42 24.59
CA CYS B 170 7.56 -5.41 25.87
C CYS B 170 7.66 -3.99 26.44
N GLU B 171 7.94 -3.01 25.58
CA GLU B 171 7.96 -1.64 26.06
C GLU B 171 6.60 -1.25 26.68
N LYS B 172 5.51 -1.61 26.02
CA LYS B 172 4.16 -1.34 26.56
C LYS B 172 4.01 -1.98 27.94
N MET B 173 4.47 -3.22 28.08
CA MET B 173 4.38 -3.92 29.35
C MET B 173 5.08 -3.13 30.46
N ALA B 174 6.32 -2.74 30.22
CA ALA B 174 7.12 -2.05 31.21
C ALA B 174 6.69 -0.60 31.45
N LEU B 175 6.24 0.07 30.40
CA LEU B 175 6.22 1.54 30.40
C LEU B 175 4.94 2.27 30.02
N TYR B 176 3.97 1.57 29.46
CA TYR B 176 2.71 2.22 29.07
C TYR B 176 2.01 2.99 30.21
N ASP B 177 1.83 2.36 31.37
CA ASP B 177 1.26 3.06 32.51
C ASP B 177 2.12 4.29 32.91
N VAL B 178 3.44 4.13 33.03
CA VAL B 178 4.34 5.25 33.35
C VAL B 178 4.15 6.44 32.41
N VAL B 179 4.29 6.20 31.11
CA VAL B 179 4.28 7.29 30.12
C VAL B 179 2.89 7.89 29.95
N SER B 180 1.87 7.14 30.37
CA SER B 180 0.48 7.62 30.33
C SER B 180 0.17 8.45 31.57
N THR B 181 0.96 8.33 32.63
CA THR B 181 0.59 8.89 33.94
C THR B 181 1.57 9.89 34.55
N LEU B 182 2.86 9.60 34.46
CA LEU B 182 3.93 10.39 35.07
C LEU B 182 3.99 11.86 34.60
N PRO B 183 3.82 12.12 33.28
CA PRO B 183 4.04 13.49 32.82
C PRO B 183 3.12 14.54 33.46
N GLN B 184 1.82 14.28 33.57
CA GLN B 184 0.90 15.22 34.24
C GLN B 184 1.22 15.38 35.73
N VAL B 185 1.66 14.31 36.38
CA VAL B 185 2.04 14.40 37.79
C VAL B 185 3.27 15.30 37.97
N VAL B 186 4.26 15.14 37.10
CA VAL B 186 5.52 15.89 37.18
C VAL B 186 5.33 17.34 36.70
N MET B 187 4.54 17.52 35.64
CA MET B 187 4.48 18.82 34.96
C MET B 187 3.20 19.61 35.23
N GLY B 188 2.20 18.96 35.83
CA GLY B 188 0.94 19.64 36.12
C GLY B 188 0.34 20.28 34.88
N SER B 189 -0.17 21.51 35.01
CA SER B 189 -0.87 22.20 33.93
C SER B 189 0.02 22.44 32.69
N SER B 190 1.34 22.33 32.85
CA SER B 190 2.28 22.50 31.70
C SER B 190 2.29 21.31 30.72
N TYR B 191 1.75 20.16 31.15
CA TYR B 191 1.68 19.01 30.26
C TYR B 191 0.58 19.16 29.23
N GLY B 192 0.98 19.42 27.99
CA GLY B 192 0.05 19.76 26.91
C GLY B 192 -0.86 18.67 26.41
N PHE B 193 -0.44 17.41 26.53
CA PHE B 193 -1.23 16.30 25.97
C PHE B 193 -2.48 15.95 26.82
N GLN B 194 -2.61 16.55 28.00
CA GLN B 194 -3.82 16.40 28.80
C GLN B 194 -5.02 17.18 28.26
N TYR B 195 -4.78 18.06 27.28
CA TYR B 195 -5.79 18.98 26.80
C TYR B 195 -6.39 18.61 25.45
N SER B 196 -7.72 18.71 25.35
CA SER B 196 -8.39 18.78 24.06
C SER B 196 -8.04 20.14 23.47
N PRO B 197 -8.34 20.37 22.17
CA PRO B 197 -7.99 21.68 21.61
C PRO B 197 -8.69 22.85 22.32
N GLY B 198 -9.94 22.63 22.71
CA GLY B 198 -10.72 23.61 23.47
C GLY B 198 -10.10 23.88 24.82
N GLN B 199 -9.68 22.82 25.49
CA GLN B 199 -8.99 22.96 26.77
C GLN B 199 -7.63 23.67 26.62
N ARG B 200 -6.90 23.37 25.55
CA ARG B 200 -5.61 24.05 25.28
C ARG B 200 -5.82 25.55 25.11
N VAL B 201 -6.87 25.92 24.38
CA VAL B 201 -7.22 27.32 24.14
C VAL B 201 -7.54 28.01 25.47
N GLU B 202 -8.37 27.36 26.28
CA GLU B 202 -8.77 27.88 27.59
C GLU B 202 -7.54 28.13 28.47
N PHE B 203 -6.60 27.18 28.48
CA PHE B 203 -5.36 27.33 29.25
C PHE B 203 -4.48 28.48 28.76
N LEU B 204 -4.22 28.53 27.46
CA LEU B 204 -3.47 29.65 26.86
C LEU B 204 -4.09 31.01 27.16
N VAL B 205 -5.39 31.13 26.93
CA VAL B 205 -6.15 32.36 27.21
C VAL B 205 -6.15 32.77 28.69
N ASN B 206 -6.51 31.85 29.58
CA ASN B 206 -6.45 32.09 31.01
C ASN B 206 -5.05 32.50 31.44
N THR B 207 -4.04 31.77 30.95
CA THR B 207 -2.63 32.08 31.25
C THR B 207 -2.25 33.48 30.80
N TRP B 208 -2.65 33.82 29.57
CA TRP B 208 -2.37 35.14 29.01
C TRP B 208 -3.01 36.28 29.83
N LYS B 209 -4.24 36.05 30.28
CA LYS B 209 -4.98 37.01 31.08
C LYS B 209 -4.47 37.10 32.52
N SER B 210 -3.76 36.08 32.98
CA SER B 210 -3.22 36.06 34.34
C SER B 210 -2.00 36.96 34.51
N LYS B 211 -1.48 37.48 33.39
CA LYS B 211 -0.29 38.33 33.42
C LYS B 211 -0.71 39.80 33.37
N LYS B 212 -0.03 40.66 34.14
CA LYS B 212 -0.29 42.11 34.06
C LYS B 212 0.02 42.62 32.66
N ASN B 213 1.24 42.36 32.19
CA ASN B 213 1.62 42.69 30.82
C ASN B 213 2.19 41.46 30.15
N PRO B 214 1.34 40.72 29.42
CA PRO B 214 1.75 39.43 28.89
C PRO B 214 2.77 39.54 27.77
N MET B 215 3.73 38.61 27.79
CA MET B 215 4.64 38.38 26.68
C MET B 215 4.72 36.87 26.56
N GLY B 216 4.76 36.37 25.33
CA GLY B 216 4.99 34.97 25.08
C GLY B 216 5.93 34.72 23.91
N PHE B 217 6.47 33.50 23.85
CA PHE B 217 7.28 33.06 22.72
C PHE B 217 7.20 31.56 22.56
N SER B 218 7.24 31.10 21.32
CA SER B 218 7.48 29.70 21.03
C SER B 218 8.99 29.50 20.99
N TYR B 219 9.45 28.28 21.28
CA TYR B 219 10.87 27.97 21.15
C TYR B 219 11.07 26.75 20.29
N ASP B 220 11.69 26.95 19.14
CA ASP B 220 11.93 25.85 18.24
C ASP B 220 13.35 25.32 18.41
N THR B 221 13.50 24.16 19.04
CA THR B 221 14.80 23.49 19.04
C THR B 221 15.03 22.91 17.65
N ARG B 222 16.23 23.12 17.12
CA ARG B 222 16.66 22.54 15.87
C ARG B 222 16.91 21.05 16.11
N CYS B 223 16.20 20.20 15.34
CA CYS B 223 16.37 18.75 15.39
C CYS B 223 16.40 18.24 16.82
N PHE B 224 15.29 18.36 17.53
CA PHE B 224 15.25 18.08 18.96
C PHE B 224 15.78 16.69 19.27
N ASP B 225 15.31 15.69 18.51
CA ASP B 225 15.69 14.30 18.77
C ASP B 225 17.21 14.12 18.77
N SER B 226 17.88 14.76 17.82
CA SER B 226 19.33 14.76 17.72
C SER B 226 20.05 15.41 18.90
N THR B 227 19.42 16.41 19.51
CA THR B 227 20.02 17.13 20.66
C THR B 227 19.95 16.34 21.97
N VAL B 228 19.07 15.36 22.01
CA VAL B 228 18.92 14.53 23.20
C VAL B 228 20.19 13.67 23.37
N THR B 229 20.86 13.85 24.49
CA THR B 229 22.13 13.19 24.79
C THR B 229 21.93 11.89 25.60
N GLU B 230 22.98 11.07 25.73
CA GLU B 230 22.95 9.94 26.70
C GLU B 230 22.55 10.38 28.12
N ASN B 231 23.13 11.49 28.58
CA ASN B 231 22.79 12.09 29.87
C ASN B 231 21.30 12.32 29.97
N ASP B 232 20.70 12.94 28.95
CA ASP B 232 19.28 13.30 28.98
C ASP B 232 18.43 12.04 29.21
N ILE B 233 18.80 10.98 28.50
CA ILE B 233 18.08 9.70 28.50
C ILE B 233 18.28 8.89 29.78
N ARG B 234 19.48 8.98 30.37
CA ARG B 234 19.72 8.43 31.70
C ARG B 234 18.95 9.20 32.76
N VAL B 235 18.93 10.53 32.63
CA VAL B 235 18.14 11.37 33.52
C VAL B 235 16.62 11.03 33.44
N GLU B 236 16.10 10.80 32.24
CA GLU B 236 14.71 10.41 32.05
C GLU B 236 14.46 9.10 32.79
N GLU B 237 15.35 8.12 32.60
CA GLU B 237 15.20 6.85 33.32
C GLU B 237 15.23 7.06 34.83
N SER B 238 16.08 7.96 35.31
CA SER B 238 16.14 8.21 36.77
C SER B 238 14.81 8.76 37.27
N ILE B 239 14.10 9.53 36.43
CA ILE B 239 12.74 10.00 36.76
C ILE B 239 11.72 8.82 36.84
N TYR B 240 11.69 7.98 35.81
CA TYR B 240 10.84 6.78 35.75
C TYR B 240 11.04 5.89 36.99
N GLN B 241 12.29 5.77 37.44
CA GLN B 241 12.64 4.91 38.55
C GLN B 241 12.23 5.50 39.92
N CYS B 242 11.89 6.80 39.97
CA CYS B 242 11.30 7.37 41.20
C CYS B 242 9.90 6.81 41.49
N CYS B 243 9.24 6.29 40.47
CA CYS B 243 7.90 5.75 40.61
C CYS B 243 7.89 4.54 41.53
N ASP B 244 6.74 4.30 42.15
CA ASP B 244 6.48 3.04 42.84
C ASP B 244 6.22 1.99 41.78
N LEU B 245 7.20 1.12 41.57
CA LEU B 245 7.14 0.09 40.52
C LEU B 245 7.44 -1.28 41.10
N ALA B 246 6.90 -2.31 40.45
CA ALA B 246 7.30 -3.69 40.69
C ALA B 246 8.76 -3.85 40.27
N PRO B 247 9.56 -4.62 41.05
CA PRO B 247 10.97 -4.85 40.73
C PRO B 247 11.19 -5.35 39.29
N GLU B 248 10.25 -6.10 38.74
CA GLU B 248 10.35 -6.57 37.36
C GLU B 248 10.21 -5.42 36.37
N ALA B 249 9.34 -4.46 36.68
CA ALA B 249 9.20 -3.26 35.87
C ALA B 249 10.48 -2.44 35.93
N ARG B 250 11.06 -2.30 37.13
CA ARG B 250 12.32 -1.57 37.33
C ARG B 250 13.43 -2.12 36.46
N GLN B 251 13.49 -3.44 36.41
CA GLN B 251 14.53 -4.14 35.69
C GLN B 251 14.37 -3.97 34.19
N ALA B 252 13.16 -4.15 33.68
CA ALA B 252 12.89 -3.96 32.24
C ALA B 252 13.21 -2.53 31.76
N ILE B 253 12.88 -1.55 32.58
CA ILE B 253 13.06 -0.13 32.25
C ILE B 253 14.55 0.19 32.18
N LYS B 254 15.31 -0.27 33.18
CA LYS B 254 16.77 -0.12 33.15
C LYS B 254 17.35 -0.80 31.91
N SER B 255 16.86 -2.00 31.61
CA SER B 255 17.30 -2.75 30.44
C SER B 255 17.00 -2.01 29.13
N LEU B 256 15.74 -1.60 28.94
CA LEU B 256 15.36 -0.87 27.73
C LEU B 256 16.16 0.42 27.57
N THR B 257 16.45 1.11 28.67
CA THR B 257 17.27 2.33 28.65
C THR B 257 18.70 2.06 28.15
N GLU B 258 19.40 1.12 28.78
CA GLU B 258 20.80 0.82 28.41
C GLU B 258 20.91 0.27 26.99
N ARG B 259 19.96 -0.56 26.61
CA ARG B 259 20.04 -1.33 25.38
C ARG B 259 19.35 -0.67 24.18
N LEU B 260 18.29 0.09 24.45
CA LEU B 260 17.48 0.66 23.37
C LEU B 260 17.45 2.20 23.39
N TYR B 261 17.08 2.78 24.53
CA TYR B 261 16.76 4.21 24.56
C TYR B 261 17.98 5.13 24.40
N ILE B 262 19.10 4.78 25.04
CA ILE B 262 20.34 5.55 24.95
C ILE B 262 20.96 5.52 23.55
N GLY B 263 20.75 4.42 22.83
CA GLY B 263 21.31 4.28 21.50
C GLY B 263 21.36 2.85 21.02
N GLY B 264 21.95 2.65 19.85
CA GLY B 264 22.00 1.35 19.24
C GLY B 264 22.31 1.38 17.76
N PRO B 265 22.58 0.20 17.20
CA PRO B 265 22.88 0.03 15.78
C PRO B 265 21.64 0.28 14.93
N LEU B 266 21.87 0.74 13.71
CA LEU B 266 20.80 1.09 12.78
C LEU B 266 20.88 0.22 11.54
N THR B 267 19.78 -0.45 11.24
CA THR B 267 19.69 -1.39 10.13
C THR B 267 18.66 -0.90 9.11
N ASN B 268 18.99 -0.94 7.83
CA ASN B 268 18.01 -0.60 6.80
C ASN B 268 17.05 -1.75 6.50
N SER B 269 16.07 -1.51 5.63
CA SER B 269 15.04 -2.52 5.31
C SER B 269 15.60 -3.80 4.67
N LYS B 270 16.85 -3.74 4.24
CA LYS B 270 17.52 -4.85 3.55
C LYS B 270 18.45 -5.61 4.48
N GLY B 271 18.43 -5.24 5.77
CA GLY B 271 19.27 -5.87 6.77
C GLY B 271 20.71 -5.35 6.86
N GLN B 272 21.00 -4.26 6.17
CA GLN B 272 22.36 -3.72 6.17
C GLN B 272 22.60 -2.79 7.35
N ASN B 273 23.79 -2.83 7.92
CA ASN B 273 24.17 -1.88 8.97
C ASN B 273 24.43 -0.48 8.40
N CYS B 274 23.62 0.47 8.83
CA CYS B 274 23.71 1.86 8.40
C CYS B 274 24.55 2.73 9.32
N GLY B 275 24.74 2.27 10.55
CA GLY B 275 25.53 3.00 11.54
C GLY B 275 24.98 2.89 12.94
N TYR B 276 25.11 3.98 13.69
CA TYR B 276 24.89 3.94 15.13
C TYR B 276 24.26 5.22 15.63
N ARG B 277 23.28 5.05 16.53
CA ARG B 277 22.53 6.17 17.12
C ARG B 277 22.95 6.40 18.56
N ARG B 278 23.17 7.66 18.92
CA ARG B 278 23.43 8.06 20.31
C ARG B 278 22.51 9.19 20.76
N CYS B 279 21.30 9.21 20.21
CA CYS B 279 20.30 10.21 20.52
C CYS B 279 18.92 9.54 20.60
N ARG B 280 17.88 10.37 20.75
CA ARG B 280 16.50 9.88 20.73
C ARG B 280 16.15 9.10 19.45
N ALA B 281 15.63 7.88 19.64
CA ALA B 281 14.91 7.17 18.60
C ALA B 281 13.53 7.79 18.47
N SER B 282 13.08 8.02 17.25
CA SER B 282 11.74 8.59 17.02
C SER B 282 10.61 7.59 17.18
N GLY B 283 10.94 6.30 17.12
CA GLY B 283 9.91 5.26 17.06
C GLY B 283 9.93 4.32 18.24
N VAL B 284 10.02 4.87 19.44
CA VAL B 284 9.89 4.04 20.67
C VAL B 284 8.78 4.60 21.58
N LEU B 285 8.32 3.80 22.56
CA LEU B 285 7.19 4.18 23.38
C LEU B 285 7.40 5.46 24.19
N THR B 286 8.62 5.64 24.67
CA THR B 286 9.00 6.74 25.56
C THR B 286 9.38 8.03 24.81
N THR B 287 9.30 8.03 23.48
CA THR B 287 9.69 9.21 22.68
C THR B 287 8.96 10.50 23.13
N SER B 288 7.63 10.43 23.19
CA SER B 288 6.81 11.58 23.58
C SER B 288 7.06 12.02 25.02
N CYS B 289 6.99 11.08 25.96
CA CYS B 289 7.17 11.37 27.38
C CYS B 289 8.61 11.81 27.65
N GLY B 290 9.57 11.12 27.03
CA GLY B 290 10.99 11.46 27.20
C GLY B 290 11.27 12.87 26.68
N ASN B 291 10.80 13.17 25.47
CA ASN B 291 11.02 14.51 24.91
C ASN B 291 10.34 15.61 25.74
N THR B 292 9.13 15.32 26.23
CA THR B 292 8.39 16.25 27.09
C THR B 292 9.13 16.52 28.41
N LEU B 293 9.56 15.46 29.09
CA LEU B 293 10.33 15.62 30.33
C LEU B 293 11.60 16.46 30.09
N THR B 294 12.37 16.07 29.08
CA THR B 294 13.63 16.72 28.74
C THR B 294 13.47 18.18 28.30
N CYS B 295 12.46 18.44 27.46
CA CYS B 295 12.13 19.81 27.07
C CYS B 295 11.72 20.68 28.28
N TYR B 296 10.84 20.13 29.12
CA TYR B 296 10.36 20.84 30.32
C TYR B 296 11.51 21.12 31.28
N LEU B 297 12.37 20.13 31.49
CA LEU B 297 13.49 20.27 32.42
C LEU B 297 14.39 21.42 31.96
N LYS B 298 14.83 21.32 30.73
CA LYS B 298 15.75 22.35 30.17
C LYS B 298 15.13 23.74 30.13
N ALA B 299 13.88 23.83 29.69
CA ALA B 299 13.18 25.10 29.54
C ALA B 299 12.94 25.75 30.91
N SER B 300 12.56 24.93 31.88
CA SER B 300 12.36 25.37 33.26
C SER B 300 13.63 25.97 33.88
N ALA B 301 14.74 25.25 33.72
CA ALA B 301 16.03 25.73 34.22
C ALA B 301 16.44 26.98 33.43
N ALA B 302 16.11 27.00 32.14
CA ALA B 302 16.43 28.14 31.29
C ALA B 302 15.66 29.40 31.70
N CYS B 303 14.38 29.23 32.06
CA CYS B 303 13.56 30.34 32.58
C CYS B 303 14.19 30.96 33.83
N ARG B 304 14.71 30.12 34.72
CA ARG B 304 15.40 30.57 35.92
C ARG B 304 16.69 31.33 35.59
N ALA B 305 17.47 30.81 34.65
CA ALA B 305 18.68 31.48 34.17
C ALA B 305 18.34 32.87 33.65
N ALA B 306 17.28 32.96 32.84
CA ALA B 306 16.85 34.21 32.23
C ALA B 306 16.13 35.19 33.19
N LYS B 307 15.78 34.71 34.38
CA LYS B 307 15.06 35.50 35.39
C LYS B 307 13.72 35.99 34.82
N LEU B 308 13.10 35.17 33.98
CA LEU B 308 11.76 35.50 33.49
C LEU B 308 10.77 35.54 34.66
N GLN B 309 9.90 36.54 34.65
CA GLN B 309 8.96 36.75 35.76
C GLN B 309 7.61 36.07 35.52
N ASP B 310 7.20 35.26 36.50
CA ASP B 310 5.92 34.55 36.49
C ASP B 310 5.71 33.76 35.20
N CYS B 311 6.69 32.91 34.90
CA CYS B 311 6.67 31.99 33.77
C CYS B 311 5.59 30.94 33.84
N THR B 312 4.93 30.72 32.72
CA THR B 312 4.07 29.56 32.55
C THR B 312 4.47 28.91 31.24
N MET B 313 4.83 27.63 31.32
CA MET B 313 5.21 26.90 30.12
C MET B 313 4.14 25.91 29.69
N LEU B 314 4.10 25.63 28.40
CA LEU B 314 3.22 24.60 27.87
C LEU B 314 4.07 23.74 26.95
N VAL B 315 4.18 22.45 27.28
CA VAL B 315 5.15 21.58 26.64
C VAL B 315 4.41 20.35 26.09
N ASN B 316 4.62 20.09 24.80
CA ASN B 316 4.11 18.91 24.12
C ASN B 316 5.30 18.28 23.44
N GLY B 317 5.96 17.32 24.10
CA GLY B 317 7.15 16.67 23.53
C GLY B 317 8.24 17.71 23.31
N ASP B 318 8.68 17.84 22.07
CA ASP B 318 9.69 18.88 21.74
C ASP B 318 9.10 20.28 21.49
N ASP B 319 7.77 20.40 21.56
CA ASP B 319 7.10 21.65 21.28
C ASP B 319 6.91 22.50 22.54
N LEU B 320 7.40 23.74 22.51
CA LEU B 320 7.49 24.56 23.70
C LEU B 320 6.95 25.96 23.49
N VAL B 321 6.06 26.38 24.39
CA VAL B 321 5.67 27.77 24.44
C VAL B 321 5.72 28.31 25.88
N VAL B 322 6.19 29.55 26.03
CA VAL B 322 6.27 30.20 27.33
C VAL B 322 5.51 31.52 27.32
N ILE B 323 4.75 31.74 28.38
CA ILE B 323 4.04 32.99 28.63
C ILE B 323 4.51 33.55 29.98
N CYS B 324 4.91 34.81 29.99
CA CYS B 324 5.42 35.43 31.21
C CYS B 324 5.00 36.90 31.33
N GLU B 325 5.40 37.53 32.44
CA GLU B 325 5.29 38.98 32.61
C GLU B 325 6.32 39.72 31.77
N SER B 326 5.87 40.69 30.98
CA SER B 326 6.78 41.56 30.25
C SER B 326 7.54 42.50 31.17
N ALA B 327 8.81 42.71 30.86
CA ALA B 327 9.63 43.69 31.58
C ALA B 327 9.95 44.88 30.67
N GLY B 328 9.10 45.08 29.67
CA GLY B 328 9.35 46.09 28.64
C GLY B 328 10.00 45.45 27.42
N THR B 329 9.94 46.12 26.28
CA THR B 329 10.40 45.58 25.01
C THR B 329 11.89 45.16 24.97
N GLN B 330 12.75 45.97 25.58
CA GLN B 330 14.19 45.77 25.50
C GLN B 330 14.67 44.77 26.53
N GLU B 331 14.06 44.77 27.71
CA GLU B 331 14.41 43.81 28.75
C GLU B 331 13.91 42.41 28.33
N ASP B 332 12.75 42.37 27.66
CA ASP B 332 12.23 41.12 27.12
C ASP B 332 13.17 40.53 26.09
N ALA B 333 13.63 41.36 25.16
CA ALA B 333 14.56 40.93 24.12
C ALA B 333 15.84 40.37 24.74
N ALA B 334 16.34 41.02 25.79
CA ALA B 334 17.55 40.57 26.49
C ALA B 334 17.34 39.25 27.22
N SER B 335 16.19 39.13 27.88
CA SER B 335 15.80 37.91 28.59
C SER B 335 15.81 36.68 27.67
N LEU B 336 15.21 36.80 26.49
CA LEU B 336 15.12 35.68 25.54
C LEU B 336 16.49 35.19 25.07
N ARG B 337 17.40 36.13 24.85
CA ARG B 337 18.77 35.79 24.48
C ARG B 337 19.44 34.96 25.59
N VAL B 338 19.19 35.31 26.86
CA VAL B 338 19.76 34.55 27.98
C VAL B 338 19.12 33.15 28.05
N PHE B 339 17.79 33.10 27.93
CA PHE B 339 17.05 31.85 27.85
C PHE B 339 17.67 30.94 26.76
N THR B 340 17.84 31.50 25.56
CA THR B 340 18.41 30.79 24.41
C THR B 340 19.86 30.31 24.67
N GLU B 341 20.67 31.15 25.31
CA GLU B 341 22.02 30.74 25.73
C GLU B 341 22.01 29.57 26.73
N ALA B 342 21.10 29.63 27.70
CA ALA B 342 20.89 28.51 28.65
C ALA B 342 20.48 27.22 27.94
N MET B 343 19.42 27.27 27.13
CA MET B 343 18.98 26.12 26.32
C MET B 343 20.13 25.57 25.49
N THR B 344 20.91 26.46 24.89
CA THR B 344 22.05 26.04 24.06
C THR B 344 23.08 25.27 24.88
N ARG B 345 23.37 25.75 26.08
CA ARG B 345 24.29 25.05 26.99
C ARG B 345 23.74 23.68 27.40
N TYR B 346 22.41 23.56 27.40
CA TYR B 346 21.75 22.31 27.77
C TYR B 346 21.59 21.37 26.59
N SER B 347 22.18 21.75 25.46
CA SER B 347 22.08 20.95 24.23
C SER B 347 20.68 21.07 23.63
N ALA B 348 20.21 22.30 23.46
CA ALA B 348 18.96 22.51 22.74
C ALA B 348 18.97 23.89 22.08
N PRO B 349 19.89 24.10 21.11
CA PRO B 349 19.97 25.37 20.41
C PRO B 349 18.75 25.55 19.51
N PRO B 350 18.37 26.80 19.20
CA PRO B 350 17.16 27.04 18.41
C PRO B 350 17.43 26.90 16.91
N GLY B 351 16.37 26.65 16.14
CA GLY B 351 16.43 26.76 14.69
C GLY B 351 16.27 28.23 14.39
N ASP B 352 15.02 28.66 14.24
CA ASP B 352 14.71 30.09 14.20
C ASP B 352 14.87 30.64 15.62
N PRO B 353 15.63 31.73 15.80
CA PRO B 353 15.75 32.28 17.16
C PRO B 353 14.37 32.70 17.68
N PRO B 354 14.13 32.55 18.99
CA PRO B 354 12.82 32.93 19.52
C PRO B 354 12.63 34.44 19.41
N GLN B 355 11.39 34.88 19.32
CA GLN B 355 11.07 36.30 19.36
C GLN B 355 9.90 36.57 20.30
N PRO B 356 9.98 37.67 21.07
CA PRO B 356 8.88 38.02 21.98
C PRO B 356 7.61 38.43 21.20
N GLU B 357 6.46 37.91 21.61
CA GLU B 357 5.17 38.33 21.03
C GLU B 357 4.21 38.87 22.06
N TYR B 358 3.52 39.96 21.70
CA TYR B 358 2.65 40.65 22.63
C TYR B 358 1.19 40.51 22.21
N ASP B 359 0.98 39.73 21.16
CA ASP B 359 -0.34 39.39 20.64
C ASP B 359 -0.52 37.88 20.74
N LEU B 360 -1.43 37.42 21.60
CA LEU B 360 -1.64 35.97 21.74
C LEU B 360 -1.85 35.30 20.39
N GLU B 361 -2.65 35.93 19.53
CA GLU B 361 -3.07 35.34 18.25
C GLU B 361 -1.93 35.14 17.25
N LEU B 362 -0.81 35.79 17.51
CA LEU B 362 0.38 35.62 16.68
C LEU B 362 1.38 34.59 17.19
N ILE B 363 1.08 33.94 18.32
CA ILE B 363 1.96 32.89 18.84
C ILE B 363 1.54 31.54 18.25
N THR B 364 2.45 30.92 17.51
CA THR B 364 2.21 29.56 16.99
C THR B 364 2.89 28.55 17.91
N SER B 365 2.10 27.59 18.41
CA SER B 365 2.64 26.47 19.19
C SER B 365 1.83 25.22 18.89
N CYS B 366 2.51 24.07 18.85
CA CYS B 366 1.96 22.87 18.23
C CYS B 366 1.36 23.21 16.86
N SER B 367 2.11 23.98 16.07
CA SER B 367 1.72 24.34 14.70
C SER B 367 0.40 25.13 14.61
N SER B 368 -0.08 25.61 15.76
CA SER B 368 -1.43 26.19 15.85
C SER B 368 -1.44 27.51 16.61
N ASN B 369 -2.55 28.23 16.51
CA ASN B 369 -2.68 29.52 17.18
C ASN B 369 -4.11 29.81 17.61
N VAL B 370 -4.22 30.61 18.67
CA VAL B 370 -5.52 31.07 19.14
C VAL B 370 -6.05 32.14 18.19
N SER B 371 -7.34 32.03 17.87
CA SER B 371 -8.03 33.08 17.13
C SER B 371 -9.43 33.20 17.69
N VAL B 372 -10.18 34.18 17.21
CA VAL B 372 -11.49 34.48 17.76
C VAL B 372 -12.57 34.53 16.66
N ALA B 373 -13.74 34.04 17.01
CA ALA B 373 -14.95 34.17 16.19
C ALA B 373 -16.14 34.41 17.11
N HIS B 374 -17.35 34.36 16.57
CA HIS B 374 -18.55 34.63 17.36
C HIS B 374 -19.55 33.47 17.24
N ASP B 375 -20.22 33.16 18.35
CA ASP B 375 -21.24 32.12 18.37
C ASP B 375 -22.59 32.70 17.94
N ALA B 376 -23.63 31.88 18.03
CA ALA B 376 -24.99 32.29 17.62
C ALA B 376 -25.43 33.61 18.25
N SER B 377 -25.17 33.76 19.55
CA SER B 377 -25.56 34.95 20.31
C SER B 377 -24.69 36.17 20.01
N GLY B 378 -23.74 36.02 19.10
CA GLY B 378 -22.80 37.09 18.75
C GLY B 378 -21.69 37.32 19.76
N LYS B 379 -21.53 36.37 20.68
CA LYS B 379 -20.51 36.45 21.74
C LYS B 379 -19.17 35.93 21.25
N ARG B 380 -18.09 36.65 21.58
CA ARG B 380 -16.73 36.22 21.22
C ARG B 380 -16.39 34.87 21.81
N VAL B 381 -15.86 33.99 20.96
CA VAL B 381 -15.47 32.64 21.31
C VAL B 381 -14.04 32.44 20.81
N TYR B 382 -13.14 32.01 21.69
CA TYR B 382 -11.81 31.64 21.24
C TYR B 382 -11.81 30.18 20.85
N TYR B 383 -10.96 29.85 19.89
CA TYR B 383 -10.88 28.50 19.35
C TYR B 383 -9.49 28.33 18.75
N LEU B 384 -9.09 27.08 18.52
CA LEU B 384 -7.76 26.82 17.96
C LEU B 384 -7.81 26.57 16.46
N THR B 385 -6.89 27.23 15.76
CA THR B 385 -6.77 27.11 14.34
C THR B 385 -5.31 26.87 13.93
N ARG B 386 -5.06 26.81 12.62
CA ARG B 386 -3.73 26.68 12.09
C ARG B 386 -3.71 27.08 10.61
N ASP B 387 -2.53 27.33 10.07
CA ASP B 387 -2.36 27.48 8.63
C ASP B 387 -2.86 26.20 7.94
N PRO B 388 -3.82 26.35 7.02
CA PRO B 388 -4.47 25.18 6.43
C PRO B 388 -3.70 24.55 5.26
N THR B 389 -2.48 25.02 4.99
CA THR B 389 -1.75 24.58 3.80
C THR B 389 -1.44 23.08 3.80
N THR B 390 -0.86 22.60 4.89
CA THR B 390 -0.46 21.20 4.98
C THR B 390 -1.71 20.30 5.08
N PRO B 391 -2.68 20.63 5.96
CA PRO B 391 -3.96 19.92 5.95
C PRO B 391 -4.59 19.75 4.58
N LEU B 392 -4.54 20.79 3.73
CA LEU B 392 -5.15 20.72 2.40
C LEU B 392 -4.32 19.92 1.40
N ALA B 393 -2.99 20.03 1.47
CA ALA B 393 -2.11 19.21 0.64
C ALA B 393 -2.33 17.72 0.94
N ARG B 394 -2.45 17.39 2.23
CA ARG B 394 -2.66 15.99 2.64
C ARG B 394 -4.06 15.50 2.25
N ALA B 395 -5.03 16.39 2.29
CA ALA B 395 -6.38 16.09 1.79
C ALA B 395 -6.36 15.78 0.29
N ALA B 396 -5.58 16.54 -0.47
CA ALA B 396 -5.42 16.29 -1.90
C ALA B 396 -4.87 14.89 -2.17
N TRP B 397 -3.86 14.49 -1.39
CA TRP B 397 -3.29 13.16 -1.49
C TRP B 397 -4.34 12.09 -1.18
N GLU B 398 -5.06 12.28 -0.08
CA GLU B 398 -6.10 11.37 0.41
C GLU B 398 -7.36 11.32 -0.48
N THR B 399 -7.52 12.33 -1.34
CA THR B 399 -8.56 12.33 -2.36
C THR B 399 -8.32 11.23 -3.42
N ALA B 400 -7.06 10.97 -3.75
CA ALA B 400 -6.70 10.02 -4.81
C ALA B 400 -6.11 8.70 -4.30
N ARG B 401 -5.74 8.65 -3.03
CA ARG B 401 -5.07 7.48 -2.44
C ARG B 401 -5.58 7.12 -1.06
N HIS B 402 -5.81 5.84 -0.85
CA HIS B 402 -6.00 5.32 0.50
C HIS B 402 -4.67 5.34 1.23
N THR B 403 -4.70 5.88 2.45
CA THR B 403 -3.52 5.95 3.30
C THR B 403 -3.86 5.31 4.63
N PRO B 404 -2.83 4.84 5.37
CA PRO B 404 -3.10 4.22 6.67
C PRO B 404 -3.71 5.21 7.66
N VAL B 405 -3.32 6.48 7.57
CA VAL B 405 -3.85 7.51 8.45
C VAL B 405 -4.60 8.53 7.63
N ASN B 406 -5.86 8.77 7.98
CA ASN B 406 -6.69 9.75 7.29
C ASN B 406 -6.62 11.10 7.98
N SER B 407 -5.67 11.92 7.53
CA SER B 407 -5.45 13.21 8.16
C SER B 407 -6.65 14.12 8.07
N TRP B 408 -7.45 13.99 7.00
CA TRP B 408 -8.65 14.81 6.86
C TRP B 408 -9.56 14.64 8.05
N LEU B 409 -9.69 13.39 8.51
CA LEU B 409 -10.58 13.06 9.62
C LEU B 409 -10.02 13.61 10.93
N GLY B 410 -8.73 13.36 11.18
CA GLY B 410 -8.06 13.95 12.33
C GLY B 410 -8.16 15.47 12.36
N ASN B 411 -7.95 16.10 11.21
CA ASN B 411 -8.09 17.56 11.12
C ASN B 411 -9.50 18.06 11.36
N ILE B 412 -10.51 17.37 10.83
CA ILE B 412 -11.90 17.72 11.16
C ILE B 412 -12.13 17.62 12.69
N ILE B 413 -11.65 16.53 13.30
CA ILE B 413 -11.84 16.36 14.74
C ILE B 413 -11.16 17.49 15.54
N MET B 414 -9.90 17.76 15.24
CA MET B 414 -9.12 18.69 16.03
C MET B 414 -9.45 20.16 15.73
N TYR B 415 -9.82 20.46 14.48
CA TYR B 415 -10.04 21.84 14.03
C TYR B 415 -11.47 22.11 13.57
N ALA B 416 -12.40 21.32 14.13
CA ALA B 416 -13.83 21.43 13.83
C ALA B 416 -14.41 22.84 13.80
N PRO B 417 -14.01 23.72 14.75
CA PRO B 417 -14.58 25.06 14.74
C PRO B 417 -13.96 26.00 13.69
N THR B 418 -12.93 25.54 12.97
CA THR B 418 -12.22 26.40 12.02
C THR B 418 -12.99 26.60 10.71
N LEU B 419 -12.80 27.79 10.13
CA LEU B 419 -13.43 28.16 8.87
C LEU B 419 -13.14 27.16 7.76
N TRP B 420 -11.88 26.72 7.68
CA TRP B 420 -11.40 25.90 6.59
C TRP B 420 -11.74 24.42 6.77
N ALA B 421 -11.78 23.93 8.01
CA ALA B 421 -12.21 22.54 8.27
C ALA B 421 -13.69 22.35 7.95
N ARG B 422 -14.52 23.29 8.37
CA ARG B 422 -15.96 23.27 8.09
C ARG B 422 -16.31 23.45 6.62
N MET B 423 -15.74 24.46 5.97
CA MET B 423 -16.18 24.78 4.64
C MET B 423 -15.61 23.85 3.58
N ILE B 424 -14.40 23.37 3.82
CA ILE B 424 -13.69 22.60 2.81
C ILE B 424 -13.58 21.11 3.16
N LEU B 425 -12.96 20.78 4.29
CA LEU B 425 -12.76 19.38 4.66
C LEU B 425 -14.07 18.62 4.79
N MET B 426 -15.00 19.14 5.59
CA MET B 426 -16.31 18.52 5.80
C MET B 426 -17.04 18.33 4.47
N THR B 427 -17.10 19.40 3.69
CA THR B 427 -17.82 19.43 2.42
C THR B 427 -17.23 18.45 1.41
N HIS B 428 -15.92 18.50 1.23
CA HIS B 428 -15.22 17.65 0.27
C HIS B 428 -15.37 16.14 0.62
N PHE B 429 -15.05 15.79 1.85
CA PHE B 429 -14.99 14.37 2.20
C PHE B 429 -16.33 13.71 2.45
N PHE B 430 -17.31 14.45 2.98
CA PHE B 430 -18.66 13.92 3.02
C PHE B 430 -19.24 13.67 1.64
N SER B 431 -18.92 14.55 0.68
CA SER B 431 -19.34 14.36 -0.71
C SER B 431 -18.77 13.04 -1.21
N ILE B 432 -17.49 12.82 -0.94
CA ILE B 432 -16.81 11.58 -1.27
C ILE B 432 -17.46 10.36 -0.60
N LEU B 433 -17.78 10.47 0.70
CA LEU B 433 -18.42 9.34 1.41
C LEU B 433 -19.85 9.03 0.93
N LEU B 434 -20.59 10.07 0.58
CA LEU B 434 -21.92 9.92 -0.01
C LEU B 434 -21.85 9.19 -1.35
N ALA B 435 -20.97 9.65 -2.23
CA ALA B 435 -20.75 9.02 -3.55
C ALA B 435 -20.43 7.52 -3.47
N GLN B 436 -19.60 7.13 -2.50
CA GLN B 436 -19.21 5.72 -2.36
C GLN B 436 -20.12 4.93 -1.42
N GLU B 437 -21.13 5.59 -0.87
CA GLU B 437 -21.97 5.01 0.19
C GLU B 437 -21.12 4.38 1.32
N GLN B 438 -20.07 5.11 1.73
CA GLN B 438 -19.17 4.65 2.78
C GLN B 438 -19.25 5.51 4.05
N LEU B 439 -20.39 6.13 4.28
CA LEU B 439 -20.56 6.95 5.49
C LEU B 439 -20.35 6.12 6.78
N GLU B 440 -20.78 4.86 6.75
CA GLU B 440 -20.73 3.99 7.92
C GLU B 440 -19.40 3.23 8.09
N LYS B 441 -18.41 3.52 7.25
CA LYS B 441 -17.14 2.80 7.30
C LYS B 441 -16.11 3.50 8.20
N ALA B 442 -15.74 2.84 9.29
CA ALA B 442 -14.75 3.38 10.24
C ALA B 442 -13.38 3.52 9.58
N LEU B 443 -12.68 4.60 9.93
CA LEU B 443 -11.39 4.93 9.32
C LEU B 443 -10.35 5.22 10.40
N ASP B 444 -9.11 4.83 10.15
CA ASP B 444 -8.03 5.11 11.09
C ASP B 444 -7.55 6.55 10.96
N CYS B 445 -7.41 7.23 12.10
CA CYS B 445 -6.71 8.50 12.15
C CYS B 445 -5.80 8.54 13.38
N GLN B 446 -4.95 9.56 13.46
CA GLN B 446 -4.00 9.66 14.58
C GLN B 446 -4.21 10.93 15.36
N ILE B 447 -4.35 10.79 16.68
CA ILE B 447 -4.49 11.92 17.59
C ILE B 447 -3.45 11.81 18.69
N TYR B 448 -2.61 12.84 18.79
CA TYR B 448 -1.47 12.87 19.71
C TYR B 448 -0.63 11.59 19.58
N GLY B 449 -0.47 11.14 18.33
CA GLY B 449 0.43 10.05 18.00
C GLY B 449 -0.20 8.66 18.07
N ALA B 450 -1.35 8.56 18.74
CA ALA B 450 -2.06 7.29 18.92
C ALA B 450 -3.08 7.09 17.81
N CYS B 451 -3.28 5.83 17.43
CA CYS B 451 -4.16 5.48 16.34
C CYS B 451 -5.57 5.19 16.85
N TYR B 452 -6.55 5.78 16.20
CA TYR B 452 -7.97 5.56 16.51
C TYR B 452 -8.74 5.15 15.26
N SER B 453 -9.61 4.15 15.41
CA SER B 453 -10.61 3.84 14.38
C SER B 453 -11.86 4.67 14.65
N ILE B 454 -12.28 5.46 13.67
CA ILE B 454 -13.40 6.38 13.89
C ILE B 454 -14.42 6.32 12.77
N GLU B 455 -15.68 6.19 13.16
CA GLU B 455 -16.81 6.22 12.26
C GLU B 455 -17.17 7.68 11.96
N PRO B 456 -17.03 8.11 10.69
CA PRO B 456 -17.36 9.49 10.28
C PRO B 456 -18.78 9.93 10.68
N LEU B 457 -19.72 8.99 10.78
CA LEU B 457 -21.09 9.32 11.20
C LEU B 457 -21.14 9.80 12.65
N ASP B 458 -20.12 9.43 13.43
CA ASP B 458 -19.98 9.91 14.81
C ASP B 458 -19.44 11.34 14.91
N LEU B 459 -19.08 11.95 13.79
CA LEU B 459 -18.48 13.29 13.84
C LEU B 459 -19.26 14.36 14.64
N PRO B 460 -20.60 14.45 14.48
CA PRO B 460 -21.34 15.47 15.22
C PRO B 460 -21.22 15.36 16.75
N GLN B 461 -21.32 14.12 17.27
CA GLN B 461 -21.17 13.85 18.70
C GLN B 461 -19.76 14.12 19.22
N ILE B 462 -18.77 13.70 18.45
CA ILE B 462 -17.36 13.93 18.80
C ILE B 462 -17.11 15.44 18.93
N ILE B 463 -17.64 16.21 17.98
CA ILE B 463 -17.42 17.66 17.93
C ILE B 463 -18.17 18.38 19.06
N GLU B 464 -19.42 17.98 19.32
CA GLU B 464 -20.17 18.49 20.46
C GLU B 464 -19.45 18.26 21.79
N ARG B 465 -18.94 17.04 22.00
CA ARG B 465 -18.24 16.68 23.23
C ARG B 465 -16.93 17.47 23.38
N LEU B 466 -16.11 17.44 22.33
CA LEU B 466 -14.80 18.09 22.39
C LEU B 466 -14.87 19.61 22.34
N HIS B 467 -15.72 20.14 21.47
CA HIS B 467 -15.73 21.57 21.16
C HIS B 467 -16.94 22.31 21.71
N GLY B 468 -17.99 21.56 22.07
CA GLY B 468 -19.28 22.16 22.42
C GLY B 468 -20.10 22.53 21.19
N LEU B 469 -21.42 22.72 21.39
CA LEU B 469 -22.35 23.03 20.29
C LEU B 469 -22.00 24.27 19.49
N SER B 470 -21.23 25.19 20.06
CA SER B 470 -20.91 26.44 19.40
C SER B 470 -20.05 26.24 18.14
N ALA B 471 -19.40 25.07 18.03
CA ALA B 471 -18.54 24.77 16.88
C ALA B 471 -19.33 24.60 15.58
N PHE B 472 -20.64 24.39 15.71
CA PHE B 472 -21.52 24.25 14.56
C PHE B 472 -22.19 25.55 14.20
N SER B 473 -21.86 26.62 14.92
CA SER B 473 -22.51 27.90 14.68
C SER B 473 -21.59 29.12 14.69
N LEU B 474 -20.27 28.90 14.62
CA LEU B 474 -19.32 30.03 14.63
C LEU B 474 -19.35 30.83 13.32
N HIS B 475 -19.18 32.14 13.45
CA HIS B 475 -19.19 33.04 12.30
C HIS B 475 -18.33 34.27 12.61
N SER B 476 -18.24 35.17 11.63
CA SER B 476 -17.44 36.39 11.76
C SER B 476 -16.04 36.10 12.32
N TYR B 477 -15.28 35.37 11.52
CA TYR B 477 -13.89 35.06 11.81
C TYR B 477 -13.02 36.31 11.64
N SER B 478 -11.80 36.27 12.15
CA SER B 478 -10.94 37.46 12.13
C SER B 478 -10.34 37.75 10.74
N PRO B 479 -10.12 39.05 10.42
CA PRO B 479 -9.42 39.40 9.18
C PRO B 479 -8.12 38.60 8.96
N GLY B 480 -7.33 38.40 10.00
CA GLY B 480 -6.08 37.63 9.90
C GLY B 480 -6.32 36.18 9.47
N GLU B 481 -7.34 35.57 10.06
CA GLU B 481 -7.69 34.18 9.77
C GLU B 481 -8.22 34.03 8.34
N ILE B 482 -9.22 34.85 8.00
CA ILE B 482 -9.77 34.91 6.64
C ILE B 482 -8.66 35.12 5.59
N ASN B 483 -7.80 36.12 5.82
CA ASN B 483 -6.63 36.35 4.94
C ASN B 483 -5.74 35.13 4.75
N ARG B 484 -5.41 34.43 5.84
CA ARG B 484 -4.51 33.29 5.77
C ARG B 484 -5.12 32.17 4.92
N VAL B 485 -6.42 31.95 5.11
CA VAL B 485 -7.17 30.93 4.39
C VAL B 485 -7.24 31.33 2.91
N ALA B 486 -7.63 32.57 2.63
CA ALA B 486 -7.63 33.11 1.26
C ALA B 486 -6.28 32.91 0.56
N SER B 487 -5.20 33.27 1.24
CA SER B 487 -3.85 33.14 0.70
C SER B 487 -3.52 31.69 0.35
N CYS B 488 -3.95 30.77 1.20
CA CYS B 488 -3.70 29.34 0.99
C CYS B 488 -4.44 28.83 -0.24
N LEU B 489 -5.71 29.23 -0.36
CA LEU B 489 -6.54 28.82 -1.50
C LEU B 489 -5.99 29.28 -2.85
N ARG B 490 -5.46 30.50 -2.88
CA ARG B 490 -4.74 31.02 -4.03
C ARG B 490 -3.52 30.17 -4.37
N LYS B 491 -2.72 29.88 -3.35
CA LYS B 491 -1.48 29.12 -3.49
C LYS B 491 -1.72 27.75 -4.13
N LEU B 492 -2.71 27.02 -3.60
CA LEU B 492 -2.93 25.65 -4.00
C LEU B 492 -3.88 25.55 -5.19
N GLY B 493 -4.56 26.65 -5.48
CA GLY B 493 -5.60 26.67 -6.50
C GLY B 493 -6.85 25.92 -6.07
N VAL B 494 -7.32 26.23 -4.86
CA VAL B 494 -8.54 25.66 -4.28
C VAL B 494 -9.68 26.61 -4.68
N PRO B 495 -10.85 26.06 -5.07
CA PRO B 495 -12.04 26.92 -5.24
C PRO B 495 -12.33 27.83 -4.04
N PRO B 496 -12.86 29.04 -4.32
CA PRO B 496 -13.14 30.02 -3.28
C PRO B 496 -14.31 29.59 -2.42
N LEU B 497 -14.35 30.11 -1.19
CA LEU B 497 -15.33 29.71 -0.19
C LEU B 497 -16.79 29.71 -0.69
N ARG B 498 -17.09 30.60 -1.62
CA ARG B 498 -18.43 30.68 -2.21
C ARG B 498 -18.82 29.42 -2.99
N VAL B 499 -17.86 28.78 -3.64
CA VAL B 499 -18.10 27.49 -4.29
C VAL B 499 -18.33 26.39 -3.24
N TRP B 500 -17.55 26.42 -2.16
CA TRP B 500 -17.70 25.42 -1.10
C TRP B 500 -19.05 25.51 -0.41
N ARG B 501 -19.55 26.73 -0.18
CA ARG B 501 -20.89 26.93 0.37
C ARG B 501 -21.95 26.30 -0.54
N HIS B 502 -21.80 26.52 -1.84
CA HIS B 502 -22.70 25.94 -2.85
C HIS B 502 -22.73 24.41 -2.76
N ARG B 503 -21.54 23.80 -2.83
CA ARG B 503 -21.38 22.37 -2.66
C ARG B 503 -21.94 21.86 -1.32
N ALA B 504 -21.70 22.61 -0.24
CA ALA B 504 -22.19 22.21 1.08
C ALA B 504 -23.71 22.10 1.12
N ARG B 505 -24.40 22.99 0.42
CA ARG B 505 -25.85 22.98 0.39
C ARG B 505 -26.31 21.64 -0.16
N SER B 506 -25.70 21.21 -1.27
CA SER B 506 -25.92 19.92 -1.91
C SER B 506 -25.57 18.75 -0.99
N VAL B 507 -24.38 18.80 -0.39
CA VAL B 507 -23.97 17.78 0.58
C VAL B 507 -24.96 17.67 1.74
N ARG B 508 -25.30 18.81 2.35
CA ARG B 508 -26.31 18.83 3.43
C ARG B 508 -27.63 18.18 3.02
N ALA B 509 -28.20 18.63 1.89
CA ALA B 509 -29.49 18.12 1.41
C ALA B 509 -29.43 16.61 1.17
N ARG B 510 -28.33 16.16 0.56
CA ARG B 510 -28.10 14.72 0.35
C ARG B 510 -28.06 13.95 1.68
N LEU B 511 -27.32 14.48 2.66
CA LEU B 511 -27.28 13.86 3.99
C LEU B 511 -28.65 13.81 4.70
N LEU B 512 -29.38 14.92 4.69
CA LEU B 512 -30.73 14.95 5.26
C LEU B 512 -31.64 13.86 4.66
N SER B 513 -31.54 13.67 3.34
CA SER B 513 -32.28 12.62 2.61
C SER B 513 -32.10 11.22 3.18
N GLN B 514 -30.90 10.93 3.67
CA GLN B 514 -30.53 9.59 4.16
C GLN B 514 -31.18 9.21 5.49
N GLY B 515 -31.65 10.21 6.23
CA GLY B 515 -32.18 9.99 7.59
C GLY B 515 -31.11 9.49 8.54
N GLY B 516 -31.52 9.18 9.78
CA GLY B 516 -30.61 8.64 10.79
C GLY B 516 -29.40 9.50 11.10
N ARG B 517 -28.29 8.85 11.46
CA ARG B 517 -27.04 9.56 11.79
C ARG B 517 -26.57 10.47 10.66
N ALA B 518 -26.75 10.00 9.42
CA ALA B 518 -26.38 10.78 8.24
C ALA B 518 -27.11 12.13 8.16
N ALA B 519 -28.40 12.12 8.50
CA ALA B 519 -29.18 13.36 8.58
C ALA B 519 -28.64 14.30 9.65
N THR B 520 -28.24 13.71 10.78
CA THR B 520 -27.61 14.45 11.87
C THR B 520 -26.33 15.18 11.39
N CYS B 521 -25.48 14.46 10.67
CA CYS B 521 -24.30 15.08 10.04
C CYS B 521 -24.70 16.27 9.18
N GLY B 522 -25.69 16.07 8.31
CA GLY B 522 -26.23 17.16 7.48
C GLY B 522 -26.64 18.36 8.31
N LYS B 523 -27.44 18.09 9.35
CA LYS B 523 -28.00 19.12 10.23
C LYS B 523 -26.95 19.96 10.96
N TYR B 524 -26.04 19.28 11.67
CA TYR B 524 -25.08 19.98 12.54
C TYR B 524 -23.84 20.45 11.78
N LEU B 525 -23.25 19.57 10.98
CA LEU B 525 -22.01 19.90 10.30
C LEU B 525 -22.16 21.01 9.26
N PHE B 526 -23.37 21.11 8.68
CA PHE B 526 -23.61 22.02 7.55
C PHE B 526 -24.67 23.12 7.76
N ASN B 527 -25.01 23.36 9.02
CA ASN B 527 -25.92 24.47 9.38
C ASN B 527 -25.40 25.83 8.87
N TRP B 528 -24.08 25.99 8.82
CA TRP B 528 -23.47 27.23 8.31
C TRP B 528 -23.82 27.56 6.85
N ALA B 529 -24.16 26.54 6.06
CA ALA B 529 -24.36 26.68 4.63
C ALA B 529 -25.74 27.21 4.23
N VAL B 530 -26.69 27.16 5.16
CA VAL B 530 -28.07 27.64 4.90
C VAL B 530 -28.37 29.03 5.48
N LYS B 531 -29.34 29.73 4.89
CA LYS B 531 -29.63 31.12 5.26
C LYS B 531 -30.41 31.25 6.58
N THR B 532 -31.55 30.59 6.66
CA THR B 532 -32.27 30.48 7.94
C THR B 532 -31.95 29.12 8.54
N LYS B 533 -31.32 29.16 9.71
CA LYS B 533 -30.56 28.03 10.20
C LYS B 533 -31.32 27.28 11.30
N LEU B 534 -31.43 25.97 11.14
CA LEU B 534 -32.04 25.10 12.15
C LEU B 534 -31.40 25.31 13.52
N LYS B 535 -32.23 25.39 14.56
CA LYS B 535 -31.73 25.49 15.93
C LYS B 535 -31.15 24.13 16.35
N LEU B 536 -29.97 24.16 16.95
CA LEU B 536 -29.23 22.94 17.27
C LEU B 536 -29.21 22.64 18.77
N THR B 537 -29.50 21.38 19.11
CA THR B 537 -29.67 20.95 20.49
C THR B 537 -28.80 19.73 20.77
N PRO B 538 -28.38 19.55 22.03
CA PRO B 538 -27.54 18.40 22.40
C PRO B 538 -27.99 17.07 21.78
N ILE B 539 -27.05 16.36 21.16
CA ILE B 539 -27.31 15.06 20.55
C ILE B 539 -27.40 13.98 21.62
N PRO B 540 -28.52 13.25 21.68
CA PRO B 540 -28.74 12.26 22.75
C PRO B 540 -27.61 11.24 22.90
N ALA B 541 -27.10 10.72 21.78
CA ALA B 541 -26.05 9.71 21.80
C ALA B 541 -24.66 10.23 22.22
N ALA B 542 -24.50 11.56 22.29
CA ALA B 542 -23.20 12.20 22.51
C ALA B 542 -22.44 11.68 23.74
N SER B 543 -23.15 11.57 24.88
CA SER B 543 -22.55 11.06 26.10
C SER B 543 -22.82 9.57 26.21
N GLN B 544 -22.15 8.80 25.35
CA GLN B 544 -22.25 7.35 25.32
C GLN B 544 -21.00 6.77 24.64
N LEU B 545 -20.34 7.58 23.83
CA LEU B 545 -19.04 7.23 23.25
C LEU B 545 -17.94 7.39 24.29
N ASP B 546 -17.06 6.40 24.37
CA ASP B 546 -15.98 6.41 25.36
C ASP B 546 -14.80 7.25 24.86
N LEU B 547 -14.83 8.54 25.21
CA LEU B 547 -13.79 9.47 24.78
C LEU B 547 -12.65 9.60 25.79
N SER B 548 -12.71 8.77 26.84
CA SER B 548 -11.60 8.64 27.79
C SER B 548 -10.42 8.02 27.07
N GLY B 549 -9.23 8.51 27.40
CA GLY B 549 -8.02 8.06 26.74
C GLY B 549 -7.60 8.93 25.57
N TRP B 550 -8.49 9.83 25.13
CA TRP B 550 -8.19 10.67 23.96
C TRP B 550 -7.14 11.76 24.22
N PHE B 551 -7.33 12.50 25.30
CA PHE B 551 -6.42 13.59 25.65
C PHE B 551 -5.90 13.39 27.06
N VAL B 552 -5.14 12.31 27.22
CA VAL B 552 -4.48 12.00 28.47
C VAL B 552 -2.99 12.19 28.25
N ALA B 553 -2.47 11.63 27.16
CA ALA B 553 -1.02 11.66 26.87
C ALA B 553 -0.69 11.57 25.37
N GLY B 554 0.56 11.90 25.04
CA GLY B 554 1.06 11.75 23.67
C GLY B 554 1.87 10.48 23.49
N TYR B 555 1.84 9.92 22.29
CA TYR B 555 2.41 8.61 21.97
C TYR B 555 3.09 8.59 20.59
N SER B 556 3.51 9.76 20.11
CA SER B 556 4.18 9.82 18.81
C SER B 556 5.30 8.78 18.75
N GLY B 557 5.24 7.92 17.72
CA GLY B 557 6.24 6.84 17.53
C GLY B 557 6.08 5.65 18.46
N GLY B 558 5.10 5.75 19.35
CA GLY B 558 4.88 4.72 20.39
C GLY B 558 4.07 3.51 19.99
N ASP B 559 3.64 3.43 18.73
CA ASP B 559 2.96 2.23 18.20
C ASP B 559 1.72 1.91 19.05
N ILE B 560 0.87 2.93 19.25
CA ILE B 560 -0.30 2.83 20.12
C ILE B 560 -1.60 2.91 19.33
N TYR B 561 -2.51 1.99 19.65
CA TYR B 561 -3.83 1.92 19.06
C TYR B 561 -4.84 1.92 20.20
N HIS B 562 -5.80 2.85 20.16
CA HIS B 562 -6.77 3.04 21.26
C HIS B 562 -8.21 2.75 20.83
C4 N35 C . -3.55 -15.14 -15.66
C5 N35 C . -5.99 -15.09 -17.06
C6 N35 C . -3.62 -14.58 -16.93
C7 N35 C . -0.03 -15.77 -14.77
C8 N35 C . 1.23 -15.61 -15.22
C10 N35 C . 2.29 -16.49 -14.65
C13 N35 C . 5.66 -17.50 -15.75
C15 N35 C . 4.53 -17.57 -14.73
C17 N35 C . -0.69 -15.72 -9.95
C20 N35 C . 0.59 -18.08 -11.87
C21 N35 C . 0.78 -15.94 -10.34
O32 N35 C . -6.80 -12.69 -18.59
S35 N35 C . -7.69 -13.81 -18.76
O31 N35 C . -9.12 -13.58 -18.70
C18 N35 C . -7.41 -14.50 -20.38
N27 N35 C . -7.26 -15.09 -17.73
C2 N35 C . -5.92 -15.64 -15.78
C3 N35 C . -4.83 -14.54 -17.66
S34 N35 C . -2.15 -13.89 -17.63
O29 N35 C . -2.10 -14.38 -18.98
O30 N35 C . -2.15 -12.48 -17.33
N24 N35 C . -0.92 -14.65 -16.74
C9 N35 C . -1.21 -15.21 -15.45
N22 N35 C . -2.39 -15.21 -14.89
C1 N35 C . -4.73 -15.68 -15.09
C11 N35 C . -0.26 -16.50 -13.50
O28 N35 C . -1.38 -16.48 -12.98
N26 N35 C . 0.81 -17.23 -13.02
C19 N35 C . 1.12 -17.42 -10.59
C16 N35 C . 1.70 -15.34 -9.28
N23 N35 C . 2.04 -17.23 -13.60
O33 N35 C . 1.59 -14.60 -16.09
N25 N35 C . 3.57 -16.56 -15.16
C14 N35 C . 3.97 -16.05 -16.47
C12 N35 C . 4.91 -17.11 -17.01
C4 N35 D . 2.59 16.79 18.95
C5 N35 D . 5.34 16.20 19.20
C6 N35 D . 3.07 15.48 18.75
C7 N35 D . -0.75 17.07 17.51
C8 N35 D . -1.74 16.35 16.91
C10 N35 D . -2.74 17.12 16.10
C13 N35 D . -4.57 16.31 13.12
C15 N35 D . -4.37 17.33 14.24
C17 N35 D . -2.05 20.53 20.26
C20 N35 D . -1.93 20.59 16.88
C21 N35 D . -3.14 20.34 19.19
O32 N35 D . 6.28 13.77 20.71
S35 N35 D . 7.32 14.52 20.05
O31 N35 D . 8.51 14.83 20.81
C18 N35 D . 7.82 13.60 18.60
N27 N35 D . 6.74 15.98 19.34
C2 N35 D . 4.86 17.50 19.40
C3 N35 D . 4.44 15.18 18.86
S34 N35 D . 1.91 14.21 18.37
O29 N35 D . 2.40 13.43 17.25
O30 N35 D . 1.58 13.61 19.64
N24 N35 D . 0.58 15.07 17.79
C9 N35 D . 0.43 16.45 18.09
N22 N35 D . 1.25 17.15 18.83
C1 N35 D . 3.51 17.81 19.26
C11 N35 D . -0.87 18.54 17.63
O28 N35 D . -0.05 19.15 18.29
N26 N35 D . -1.87 19.14 16.90
C19 N35 D . -2.87 21.19 17.93
C16 N35 D . -4.51 20.67 19.77
N23 N35 D . -2.75 18.44 16.14
O33 N35 D . -1.90 15.01 17.12
N25 N35 D . -3.70 16.56 15.30
C14 N35 D . -3.93 15.13 15.08
C12 N35 D . -4.87 15.04 13.88
#